data_5ZQU
#
_entry.id   5ZQU
#
_cell.length_a   46.571
_cell.length_b   100.492
_cell.length_c   111.01
_cell.angle_alpha   90.0
_cell.angle_beta   99.269
_cell.angle_gamma   90.0
#
_symmetry.space_group_name_H-M   'P 1 21 1'
#
loop_
_entity.id
_entity.type
_entity.pdbx_description
1 polymer 'Retinoic acid receptor RXR-alpha'
2 non-polymer '1-(3,5,5,8,8-pentamethyl-6,7-dihydronaphthalen-2-yl)benzotriazole-5-carboxylic acid'
3 non-polymer 'BROMIDE ION'
4 water water
#
_entity_poly.entity_id   1
_entity_poly.type   'polypeptide(L)'
_entity_poly.pdbx_seq_one_letter_code
;GSSHSSANEDMPVERILEAELAVEPKTETYVEANMGLNPSSPNDPVTNICQAADKQLFTLVEWAKRIPHFSELPLDDQVI
LLRAGWNELLIASFSHRSIAVKDGILLATGLHVHRNSAHSAGVGAIFDRVLTELVSKMRDMQMDKTELGCLRAIVLFNPD
SKGLSNPAEVEALREKVYASLEAYCKHKYPEQPGRFAKLLLRLPALRSIGLKCLEHLFFFKLIGDTPIDTFLMEMLEAPH
QMT
;
_entity_poly.pdbx_strand_id   A,B,C,D
#
# COMPACT_ATOMS: atom_id res chain seq x y z
N ASP A 44 -10.31 -18.48 24.96
CA ASP A 44 -9.76 -17.35 24.21
C ASP A 44 -9.91 -17.54 22.71
N PRO A 45 -10.68 -16.64 22.06
CA PRO A 45 -10.93 -16.70 20.61
C PRO A 45 -9.63 -16.65 19.78
N VAL A 46 -8.57 -16.06 20.33
CA VAL A 46 -7.32 -15.89 19.59
C VAL A 46 -6.66 -17.22 19.26
N THR A 47 -6.50 -18.09 20.26
CA THR A 47 -5.94 -19.41 20.03
C THR A 47 -6.87 -20.27 19.19
N ASN A 48 -8.16 -20.04 19.35
CA ASN A 48 -9.18 -20.71 18.55
C ASN A 48 -9.02 -20.33 17.08
N ILE A 49 -8.67 -19.06 16.85
CA ILE A 49 -8.42 -18.54 15.51
C ILE A 49 -7.11 -19.09 14.95
N CYS A 50 -6.07 -19.08 15.77
CA CYS A 50 -4.74 -19.48 15.35
C CYS A 50 -4.65 -20.95 14.92
N GLN A 51 -5.30 -21.83 15.69
CA GLN A 51 -5.25 -23.25 15.38
C GLN A 51 -6.14 -23.57 14.17
N ALA A 52 -7.18 -22.79 14.00
CA ALA A 52 -8.04 -22.91 12.82
C ALA A 52 -7.25 -22.58 11.56
N ALA A 53 -6.36 -21.60 11.66
CA ALA A 53 -5.49 -21.24 10.55
C ALA A 53 -4.47 -22.34 10.29
N ASP A 54 -3.94 -22.93 11.37
CA ASP A 54 -3.04 -24.08 11.28
C ASP A 54 -3.72 -25.23 10.54
N LYS A 55 -5.02 -25.38 10.82
CA LYS A 55 -5.83 -26.42 10.22
C LYS A 55 -6.00 -26.19 8.72
N GLN A 56 -6.32 -24.95 8.34
CA GLN A 56 -6.47 -24.58 6.94
C GLN A 56 -5.18 -24.76 6.16
N LEU A 57 -4.06 -24.38 6.76
CA LEU A 57 -2.76 -24.53 6.14
C LEU A 57 -2.48 -26.00 5.88
N PHE A 58 -2.83 -26.84 6.86
CA PHE A 58 -2.68 -28.28 6.75
C PHE A 58 -3.50 -28.83 5.57
N THR A 59 -4.80 -28.51 5.56
CA THR A 59 -5.70 -29.01 4.53
C THR A 59 -5.33 -28.52 3.13
N LEU A 60 -4.76 -27.32 3.06
CA LEU A 60 -4.36 -26.74 1.79
C LEU A 60 -3.14 -27.45 1.19
N VAL A 61 -2.18 -27.79 2.05
CA VAL A 61 -1.00 -28.50 1.62
C VAL A 61 -1.35 -29.91 1.16
N GLU A 62 -2.19 -30.59 1.93
CA GLU A 62 -2.61 -31.95 1.60
C GLU A 62 -3.36 -31.96 0.27
N TRP A 63 -4.16 -30.92 0.06
CA TRP A 63 -4.89 -30.76 -1.20
C TRP A 63 -3.92 -30.58 -2.36
N ALA A 64 -2.88 -29.78 -2.15
CA ALA A 64 -1.89 -29.49 -3.17
C ALA A 64 -1.10 -30.73 -3.57
N LYS A 65 -0.80 -31.57 -2.59
CA LYS A 65 -0.05 -32.81 -2.84
C LYS A 65 -0.90 -33.81 -3.62
N ARG A 66 -2.21 -33.73 -3.48
CA ARG A 66 -3.12 -34.61 -4.20
C ARG A 66 -3.29 -34.17 -5.65
N ILE A 67 -2.90 -32.93 -5.94
CA ILE A 67 -2.87 -32.43 -7.31
C ILE A 67 -1.73 -33.13 -8.06
N PRO A 68 -2.06 -33.77 -9.18
CA PRO A 68 -1.09 -34.54 -9.99
C PRO A 68 0.14 -33.73 -10.39
N HIS A 69 1.31 -34.36 -10.27
CA HIS A 69 2.61 -33.79 -10.68
C HIS A 69 3.11 -32.64 -9.81
N PHE A 70 2.32 -32.19 -8.84
CA PHE A 70 2.74 -31.09 -7.97
C PHE A 70 3.94 -31.50 -7.12
N SER A 71 3.89 -32.70 -6.55
CA SER A 71 4.94 -33.17 -5.65
C SER A 71 6.23 -33.52 -6.39
N GLU A 72 6.14 -33.59 -7.71
CA GLU A 72 7.29 -33.91 -8.56
C GLU A 72 8.16 -32.68 -8.79
N LEU A 73 7.59 -31.51 -8.52
CA LEU A 73 8.31 -30.24 -8.61
C LEU A 73 9.40 -30.16 -7.52
N PRO A 74 10.41 -29.31 -7.76
CA PRO A 74 11.41 -29.03 -6.72
C PRO A 74 10.74 -28.55 -5.44
N LEU A 75 11.24 -29.01 -4.29
CA LEU A 75 10.62 -28.71 -3.00
C LEU A 75 10.50 -27.21 -2.76
N ASP A 76 11.54 -26.47 -3.13
CA ASP A 76 11.55 -25.02 -2.96
C ASP A 76 10.49 -24.34 -3.81
N ASP A 77 10.24 -24.91 -4.98
CA ASP A 77 9.22 -24.37 -5.90
C ASP A 77 7.82 -24.63 -5.37
N GLN A 78 7.63 -25.75 -4.69
CA GLN A 78 6.35 -26.08 -4.09
C GLN A 78 5.98 -25.08 -3.00
N VAL A 79 6.97 -24.70 -2.20
CA VAL A 79 6.79 -23.71 -1.15
C VAL A 79 6.44 -22.35 -1.75
N ILE A 80 7.17 -21.98 -2.80
CA ILE A 80 6.95 -20.71 -3.49
C ILE A 80 5.52 -20.59 -4.02
N LEU A 81 5.05 -21.64 -4.68
CA LEU A 81 3.70 -21.66 -5.24
C LEU A 81 2.63 -21.56 -4.16
N LEU A 82 2.86 -22.23 -3.03
CA LEU A 82 1.92 -22.19 -1.92
C LEU A 82 1.84 -20.82 -1.29
N ARG A 83 3.00 -20.23 -1.01
CA ARG A 83 3.07 -18.88 -0.44
C ARG A 83 2.49 -17.84 -1.38
N ALA A 84 2.70 -18.03 -2.68
CA ALA A 84 2.25 -17.07 -3.68
C ALA A 84 0.75 -17.17 -3.89
N GLY A 85 0.17 -18.34 -3.59
CA GLY A 85 -1.21 -18.59 -3.93
C GLY A 85 -2.20 -18.80 -2.80
N TRP A 86 -1.70 -19.05 -1.59
CA TRP A 86 -2.59 -19.49 -0.51
C TRP A 86 -3.67 -18.47 -0.15
N ASN A 87 -3.45 -17.21 -0.53
CA ASN A 87 -4.46 -16.19 -0.26
C ASN A 87 -5.62 -16.31 -1.22
N GLU A 88 -5.33 -16.35 -2.52
CA GLU A 88 -6.37 -16.51 -3.54
C GLU A 88 -7.05 -17.86 -3.44
N LEU A 89 -6.28 -18.88 -3.06
CA LEU A 89 -6.78 -20.26 -2.96
C LEU A 89 -7.85 -20.37 -1.89
N LEU A 90 -7.64 -19.67 -0.78
CA LEU A 90 -8.56 -19.69 0.34
C LEU A 90 -9.80 -18.86 0.05
N ILE A 91 -9.58 -17.71 -0.58
CA ILE A 91 -10.66 -16.82 -0.99
C ILE A 91 -11.58 -17.53 -1.98
N ALA A 92 -10.99 -18.25 -2.93
CA ALA A 92 -11.75 -19.02 -3.89
C ALA A 92 -12.58 -20.08 -3.19
N SER A 93 -12.01 -20.68 -2.15
CA SER A 93 -12.67 -21.76 -1.43
C SER A 93 -13.92 -21.31 -0.68
N PHE A 94 -13.80 -20.26 0.15
CA PHE A 94 -14.95 -19.87 0.95
C PHE A 94 -15.96 -19.07 0.12
N SER A 95 -15.50 -18.52 -1.00
CA SER A 95 -16.41 -17.84 -1.92
C SER A 95 -17.40 -18.84 -2.50
N HIS A 96 -16.86 -19.96 -2.98
CA HIS A 96 -17.67 -21.02 -3.57
C HIS A 96 -18.53 -21.71 -2.52
N ARG A 97 -18.01 -21.80 -1.30
CA ARG A 97 -18.76 -22.40 -0.20
C ARG A 97 -19.94 -21.53 0.19
N SER A 98 -19.84 -20.24 -0.14
CA SER A 98 -20.83 -19.25 0.26
C SER A 98 -21.96 -19.06 -0.75
N ILE A 99 -22.05 -19.95 -1.73
CA ILE A 99 -23.11 -19.86 -2.73
C ILE A 99 -24.49 -20.09 -2.10
N ALA A 100 -24.53 -20.93 -1.07
CA ALA A 100 -25.77 -21.25 -0.38
C ALA A 100 -26.23 -20.09 0.49
N VAL A 101 -25.27 -19.30 0.96
CA VAL A 101 -25.54 -18.19 1.87
C VAL A 101 -25.93 -16.92 1.12
N LYS A 102 -26.73 -16.07 1.76
CA LYS A 102 -27.12 -14.78 1.21
C LYS A 102 -26.46 -13.63 1.98
N ASP A 103 -25.96 -12.65 1.24
CA ASP A 103 -25.34 -11.45 1.81
C ASP A 103 -24.27 -11.78 2.85
N GLY A 104 -23.58 -12.89 2.67
CA GLY A 104 -22.59 -13.31 3.65
C GLY A 104 -21.58 -14.34 3.17
N ILE A 105 -20.68 -14.71 4.07
CA ILE A 105 -19.61 -15.64 3.77
C ILE A 105 -19.64 -16.82 4.74
N LEU A 106 -19.54 -18.03 4.20
CA LEU A 106 -19.56 -19.23 5.01
C LEU A 106 -18.15 -19.77 5.23
N LEU A 107 -17.68 -19.68 6.47
CA LEU A 107 -16.37 -20.21 6.83
C LEU A 107 -16.43 -21.72 7.00
N ALA A 108 -15.28 -22.37 6.98
CA ALA A 108 -15.21 -23.83 7.11
C ALA A 108 -15.66 -24.28 8.49
N THR A 109 -15.53 -23.39 9.48
CA THR A 109 -15.91 -23.69 10.85
C THR A 109 -17.42 -23.61 11.05
N GLY A 110 -18.14 -23.30 9.98
CA GLY A 110 -19.59 -23.24 10.02
C GLY A 110 -20.10 -21.86 10.38
N LEU A 111 -19.18 -20.94 10.65
CA LEU A 111 -19.53 -19.59 11.07
C LEU A 111 -19.95 -18.73 9.89
N HIS A 112 -21.14 -18.15 9.99
CA HIS A 112 -21.64 -17.21 8.99
C HIS A 112 -21.14 -15.80 9.30
N VAL A 113 -20.61 -15.11 8.30
CA VAL A 113 -20.24 -13.70 8.45
C VAL A 113 -21.06 -12.83 7.50
N HIS A 114 -21.95 -12.05 8.08
CA HIS A 114 -22.85 -11.20 7.29
C HIS A 114 -22.18 -9.87 6.95
N ARG A 115 -22.69 -9.20 5.92
CA ARG A 115 -22.06 -7.97 5.41
C ARG A 115 -22.06 -6.86 6.45
N ASN A 116 -23.05 -6.88 7.34
CA ASN A 116 -23.14 -5.89 8.41
C ASN A 116 -21.91 -5.90 9.31
N SER A 117 -21.43 -7.10 9.65
CA SER A 117 -20.24 -7.23 10.47
C SER A 117 -19.03 -6.68 9.73
N ALA A 118 -18.96 -6.96 8.44
CA ALA A 118 -17.85 -6.53 7.60
C ALA A 118 -17.78 -5.01 7.49
N HIS A 119 -18.92 -4.38 7.19
CA HIS A 119 -18.98 -2.93 7.08
C HIS A 119 -18.71 -2.28 8.43
N SER A 120 -19.16 -2.91 9.51
CA SER A 120 -18.88 -2.41 10.85
C SER A 120 -17.42 -2.56 11.19
N ALA A 121 -16.77 -3.55 10.58
CA ALA A 121 -15.36 -3.80 10.82
C ALA A 121 -14.48 -2.97 9.90
N GLY A 122 -15.12 -2.24 8.99
CA GLY A 122 -14.43 -1.31 8.12
C GLY A 122 -13.91 -1.92 6.82
N VAL A 123 -14.36 -3.13 6.51
CA VAL A 123 -13.96 -3.80 5.28
C VAL A 123 -15.15 -4.14 4.42
N GLY A 124 -16.17 -3.29 4.45
CA GLY A 124 -17.39 -3.52 3.71
C GLY A 124 -17.21 -3.48 2.20
N ALA A 125 -16.24 -2.69 1.73
CA ALA A 125 -16.03 -2.52 0.29
C ALA A 125 -15.55 -3.81 -0.37
N ILE A 126 -14.54 -4.44 0.23
CA ILE A 126 -14.00 -5.69 -0.30
C ILE A 126 -15.00 -6.84 -0.14
N PHE A 127 -15.71 -6.83 0.99
CA PHE A 127 -16.70 -7.87 1.26
C PHE A 127 -17.74 -7.88 0.16
N ASP A 128 -18.15 -6.69 -0.26
CA ASP A 128 -19.08 -6.54 -1.38
C ASP A 128 -18.43 -6.98 -2.68
N ARG A 129 -17.13 -6.69 -2.81
CA ARG A 129 -16.37 -7.11 -3.99
C ARG A 129 -16.34 -8.64 -4.07
N VAL A 130 -16.15 -9.28 -2.93
CA VAL A 130 -16.17 -10.74 -2.84
C VAL A 130 -17.53 -11.29 -3.23
N LEU A 131 -18.58 -10.65 -2.71
CA LEU A 131 -19.94 -11.13 -2.95
C LEU A 131 -20.40 -10.93 -4.39
N THR A 132 -20.07 -9.78 -4.97
CA THR A 132 -20.52 -9.45 -6.32
C THR A 132 -19.66 -10.07 -7.42
N GLU A 133 -18.34 -10.01 -7.25
CA GLU A 133 -17.43 -10.44 -8.31
C GLU A 133 -17.10 -11.93 -8.24
N LEU A 134 -17.28 -12.54 -7.08
CA LEU A 134 -16.94 -13.95 -6.92
C LEU A 134 -18.15 -14.81 -6.58
N VAL A 135 -18.72 -14.60 -5.39
CA VAL A 135 -19.80 -15.45 -4.88
C VAL A 135 -21.03 -15.51 -5.79
N SER A 136 -21.58 -14.35 -6.14
CA SER A 136 -22.79 -14.30 -6.95
C SER A 136 -22.54 -14.79 -8.37
N LYS A 137 -21.35 -14.52 -8.90
CA LYS A 137 -20.98 -14.98 -10.23
C LYS A 137 -20.87 -16.50 -10.27
N MET A 138 -20.30 -17.06 -9.21
CA MET A 138 -20.23 -18.50 -9.06
C MET A 138 -21.62 -19.11 -8.96
N ARG A 139 -22.51 -18.44 -8.22
CA ARG A 139 -23.87 -18.90 -8.06
C ARG A 139 -24.65 -18.86 -9.38
N ASP A 140 -24.57 -17.73 -10.07
CA ASP A 140 -25.33 -17.53 -11.30
C ASP A 140 -25.02 -18.56 -12.40
N MET A 141 -23.74 -18.91 -12.53
CA MET A 141 -23.32 -19.85 -13.57
C MET A 141 -23.26 -21.29 -13.03
N GLN A 142 -23.62 -21.45 -11.77
CA GLN A 142 -23.64 -22.76 -11.10
C GLN A 142 -22.31 -23.50 -11.25
N MET A 143 -21.23 -22.83 -10.87
CA MET A 143 -19.90 -23.43 -10.90
C MET A 143 -19.85 -24.64 -9.97
N ASP A 144 -19.55 -25.80 -10.52
CA ASP A 144 -19.46 -27.02 -9.70
C ASP A 144 -18.07 -27.15 -9.08
N LYS A 145 -17.89 -28.19 -8.27
CA LYS A 145 -16.67 -28.35 -7.49
C LYS A 145 -15.48 -28.80 -8.34
N THR A 146 -15.76 -29.48 -9.44
CA THR A 146 -14.71 -29.89 -10.37
C THR A 146 -14.09 -28.67 -11.04
N GLU A 147 -14.94 -27.72 -11.43
CA GLU A 147 -14.49 -26.49 -12.05
C GLU A 147 -13.71 -25.63 -11.06
N LEU A 148 -14.17 -25.61 -9.81
CA LEU A 148 -13.49 -24.88 -8.76
C LEU A 148 -12.10 -25.44 -8.50
N GLY A 149 -12.02 -26.77 -8.43
CA GLY A 149 -10.75 -27.44 -8.21
C GLY A 149 -9.74 -27.15 -9.30
N CYS A 150 -10.20 -27.10 -10.54
CA CYS A 150 -9.33 -26.80 -11.67
C CYS A 150 -8.80 -25.37 -11.59
N LEU A 151 -9.70 -24.44 -11.29
CA LEU A 151 -9.31 -23.03 -11.17
C LEU A 151 -8.29 -22.82 -10.06
N ARG A 152 -8.48 -23.51 -8.95
CA ARG A 152 -7.53 -23.44 -7.83
C ARG A 152 -6.21 -24.11 -8.22
N ALA A 153 -6.29 -25.15 -9.03
CA ALA A 153 -5.10 -25.81 -9.53
C ALA A 153 -4.32 -24.89 -10.47
N ILE A 154 -5.06 -24.15 -11.29
CA ILE A 154 -4.45 -23.17 -12.19
C ILE A 154 -3.76 -22.06 -11.39
N VAL A 155 -4.46 -21.58 -10.37
CA VAL A 155 -3.91 -20.57 -9.46
C VAL A 155 -2.65 -21.08 -8.78
N LEU A 156 -2.71 -22.33 -8.31
CA LEU A 156 -1.56 -22.96 -7.66
C LEU A 156 -0.36 -23.02 -8.60
N PHE A 157 -0.61 -23.47 -9.83
CA PHE A 157 0.44 -23.53 -10.85
C PHE A 157 0.64 -22.17 -11.49
N ASN A 158 1.09 -21.20 -10.70
CA ASN A 158 1.35 -19.86 -11.20
C ASN A 158 2.81 -19.70 -11.61
N PRO A 159 3.07 -19.66 -12.92
CA PRO A 159 4.44 -19.56 -13.44
C PRO A 159 5.04 -18.16 -13.28
N ASP A 160 4.23 -17.20 -12.85
CA ASP A 160 4.68 -15.83 -12.67
C ASP A 160 5.24 -15.60 -11.27
N SER A 161 5.15 -16.62 -10.42
CA SER A 161 5.68 -16.54 -9.06
C SER A 161 7.18 -16.32 -9.08
N LYS A 162 7.66 -15.41 -8.23
CA LYS A 162 9.08 -15.05 -8.22
C LYS A 162 9.92 -16.12 -7.55
N GLY A 163 11.10 -16.39 -8.12
CA GLY A 163 12.07 -17.28 -7.53
C GLY A 163 11.93 -18.73 -7.95
N LEU A 164 10.98 -19.01 -8.83
CA LEU A 164 10.79 -20.36 -9.35
C LEU A 164 12.03 -20.80 -10.13
N SER A 165 12.51 -22.00 -9.83
CA SER A 165 13.70 -22.53 -10.50
C SER A 165 13.38 -22.95 -11.93
N ASN A 166 12.16 -23.43 -12.14
CA ASN A 166 11.71 -23.77 -13.47
C ASN A 166 10.25 -23.40 -13.71
N PRO A 167 10.02 -22.15 -14.15
CA PRO A 167 8.69 -21.61 -14.46
C PRO A 167 8.02 -22.36 -15.60
N ALA A 168 8.78 -22.75 -16.60
CA ALA A 168 8.25 -23.45 -17.77
C ALA A 168 7.61 -24.78 -17.37
N GLU A 169 8.20 -25.45 -16.39
CA GLU A 169 7.67 -26.68 -15.86
C GLU A 169 6.31 -26.44 -15.21
N VAL A 170 6.23 -25.36 -14.44
CA VAL A 170 4.99 -24.96 -13.79
C VAL A 170 3.94 -24.55 -14.82
N GLU A 171 4.38 -23.82 -15.84
CA GLU A 171 3.49 -23.37 -16.90
C GLU A 171 2.88 -24.57 -17.64
N ALA A 172 3.70 -25.58 -17.89
CA ALA A 172 3.25 -26.80 -18.58
C ALA A 172 2.17 -27.51 -17.77
N LEU A 173 2.34 -27.55 -16.46
CA LEU A 173 1.36 -28.19 -15.58
C LEU A 173 0.05 -27.41 -15.57
N ARG A 174 0.14 -26.09 -15.63
CA ARG A 174 -1.04 -25.25 -15.73
C ARG A 174 -1.77 -25.49 -17.04
N GLU A 175 -1.01 -25.56 -18.14
CA GLU A 175 -1.56 -25.85 -19.46
C GLU A 175 -2.29 -27.19 -19.46
N LYS A 176 -1.69 -28.16 -18.78
CA LYS A 176 -2.27 -29.49 -18.68
C LYS A 176 -3.61 -29.43 -17.96
N VAL A 177 -3.70 -28.58 -16.94
CA VAL A 177 -4.91 -28.45 -16.15
C VAL A 177 -6.07 -27.81 -16.92
N TYR A 178 -5.84 -26.67 -17.57
CA TYR A 178 -6.95 -25.98 -18.21
C TYR A 178 -7.33 -26.64 -19.54
N ALA A 179 -6.45 -27.50 -20.05
CA ALA A 179 -6.82 -28.33 -21.19
C ALA A 179 -7.90 -29.32 -20.75
N SER A 180 -7.71 -29.87 -19.55
CA SER A 180 -8.67 -30.78 -18.96
C SER A 180 -9.98 -30.07 -18.64
N LEU A 181 -9.87 -28.87 -18.10
CA LEU A 181 -11.05 -28.09 -17.72
C LEU A 181 -11.93 -27.77 -18.93
N GLU A 182 -11.30 -27.48 -20.06
CA GLU A 182 -12.03 -27.19 -21.28
C GLU A 182 -12.77 -28.44 -21.77
N ALA A 183 -12.10 -29.58 -21.70
CA ALA A 183 -12.71 -30.85 -22.06
C ALA A 183 -13.93 -31.13 -21.19
N TYR A 184 -13.78 -30.92 -19.89
CA TYR A 184 -14.85 -31.12 -18.93
C TYR A 184 -16.05 -30.23 -19.24
N CYS A 185 -15.79 -28.95 -19.48
CA CYS A 185 -16.85 -27.98 -19.77
C CYS A 185 -17.54 -28.30 -21.08
N LYS A 186 -16.76 -28.72 -22.08
CA LYS A 186 -17.30 -29.08 -23.38
C LYS A 186 -18.29 -30.23 -23.31
N HIS A 187 -17.95 -31.25 -22.52
CA HIS A 187 -18.74 -32.47 -22.47
C HIS A 187 -19.91 -32.39 -21.49
N LYS A 188 -19.72 -31.70 -20.37
CA LYS A 188 -20.77 -31.62 -19.36
C LYS A 188 -21.72 -30.44 -19.64
N TYR A 189 -21.19 -29.38 -20.25
CA TYR A 189 -22.03 -28.24 -20.62
C TYR A 189 -21.85 -27.85 -22.09
N PRO A 190 -22.24 -28.73 -23.02
CA PRO A 190 -22.02 -28.45 -24.45
C PRO A 190 -22.88 -27.31 -24.98
N GLU A 191 -24.03 -27.07 -24.36
CA GLU A 191 -24.91 -25.99 -24.77
C GLU A 191 -24.35 -24.64 -24.35
N GLN A 192 -23.27 -24.67 -23.59
CA GLN A 192 -22.57 -23.46 -23.15
C GLN A 192 -21.14 -23.47 -23.66
N PRO A 193 -20.93 -23.07 -24.93
CA PRO A 193 -19.59 -23.09 -25.52
C PRO A 193 -18.61 -22.10 -24.87
N GLY A 194 -19.14 -21.06 -24.25
CA GLY A 194 -18.30 -20.01 -23.68
C GLY A 194 -18.04 -20.16 -22.19
N ARG A 195 -18.44 -21.30 -21.63
CA ARG A 195 -18.32 -21.52 -20.20
C ARG A 195 -16.86 -21.59 -19.73
N PHE A 196 -16.02 -22.22 -20.56
CA PHE A 196 -14.60 -22.35 -20.23
C PHE A 196 -13.93 -21.01 -20.02
N ALA A 197 -14.17 -20.08 -20.95
CA ALA A 197 -13.60 -18.74 -20.86
C ALA A 197 -14.14 -17.99 -19.65
N LYS A 198 -15.44 -18.13 -19.41
CA LYS A 198 -16.10 -17.46 -18.29
C LYS A 198 -15.48 -17.85 -16.96
N LEU A 199 -15.06 -19.11 -16.86
CA LEU A 199 -14.38 -19.59 -15.67
C LEU A 199 -13.02 -18.92 -15.50
N LEU A 200 -12.27 -18.83 -16.60
CA LEU A 200 -10.94 -18.24 -16.57
C LEU A 200 -10.98 -16.73 -16.31
N LEU A 201 -12.10 -16.12 -16.68
CA LEU A 201 -12.23 -14.67 -16.56
C LEU A 201 -12.72 -14.24 -15.18
N ARG A 202 -12.73 -15.17 -14.24
CA ARG A 202 -12.99 -14.86 -12.84
C ARG A 202 -11.66 -14.70 -12.11
N LEU A 203 -10.60 -15.19 -12.74
CA LEU A 203 -9.24 -15.14 -12.19
C LEU A 203 -8.68 -13.72 -12.02
N PRO A 204 -8.94 -12.81 -12.98
CA PRO A 204 -8.49 -11.44 -12.69
C PRO A 204 -9.15 -10.82 -11.47
N ALA A 205 -10.45 -11.10 -11.28
CA ALA A 205 -11.18 -10.62 -10.12
C ALA A 205 -10.57 -11.20 -8.85
N LEU A 206 -10.26 -12.48 -8.89
CA LEU A 206 -9.64 -13.16 -7.75
C LEU A 206 -8.28 -12.57 -7.42
N ARG A 207 -7.57 -12.16 -8.47
CA ARG A 207 -6.24 -11.56 -8.31
C ARG A 207 -6.30 -10.24 -7.57
N SER A 208 -7.17 -9.34 -8.03
CA SER A 208 -7.29 -8.01 -7.43
C SER A 208 -7.90 -8.07 -6.04
N ILE A 209 -8.95 -8.88 -5.88
CA ILE A 209 -9.60 -9.07 -4.59
C ILE A 209 -8.60 -9.64 -3.58
N GLY A 210 -7.75 -10.56 -4.04
CA GLY A 210 -6.72 -11.12 -3.20
C GLY A 210 -5.77 -10.05 -2.68
N LEU A 211 -5.40 -9.13 -3.57
CA LEU A 211 -4.51 -8.03 -3.20
C LEU A 211 -5.16 -7.07 -2.22
N LYS A 212 -6.41 -6.71 -2.50
CA LYS A 212 -7.15 -5.79 -1.64
C LYS A 212 -7.35 -6.38 -0.24
N CYS A 213 -7.55 -7.69 -0.17
CA CYS A 213 -7.77 -8.37 1.10
C CYS A 213 -6.58 -8.24 2.04
N LEU A 214 -5.37 -8.35 1.48
CA LEU A 214 -4.16 -8.17 2.27
C LEU A 214 -3.98 -6.71 2.64
N GLU A 215 -4.22 -5.85 1.65
CA GLU A 215 -4.06 -4.41 1.79
C GLU A 215 -4.90 -3.84 2.92
N HIS A 216 -6.13 -4.35 3.07
CA HIS A 216 -7.05 -3.83 4.09
C HIS A 216 -7.18 -4.76 5.29
N LEU A 217 -6.24 -5.69 5.43
CA LEU A 217 -6.21 -6.61 6.57
C LEU A 217 -7.55 -7.33 6.76
N PHE A 218 -8.10 -7.80 5.65
CA PHE A 218 -9.42 -8.42 5.60
C PHE A 218 -9.67 -9.45 6.69
N PHE A 219 -8.75 -10.39 6.84
CA PHE A 219 -8.93 -11.48 7.80
C PHE A 219 -8.73 -11.00 9.23
N PHE A 220 -7.71 -10.16 9.44
CA PHE A 220 -7.49 -9.49 10.71
C PHE A 220 -8.76 -8.84 11.22
N LYS A 221 -9.40 -8.07 10.34
CA LYS A 221 -10.52 -7.21 10.73
C LYS A 221 -11.83 -7.97 10.86
N LEU A 222 -11.89 -9.18 10.30
CA LEU A 222 -13.13 -9.95 10.37
C LEU A 222 -13.25 -10.72 11.68
N ILE A 223 -12.31 -10.49 12.60
CA ILE A 223 -12.45 -10.98 13.96
C ILE A 223 -13.18 -9.90 14.78
N GLY A 224 -13.04 -8.66 14.35
CA GLY A 224 -13.81 -7.55 14.93
C GLY A 224 -13.07 -6.71 15.95
N ASP A 225 -11.90 -7.18 16.38
CA ASP A 225 -11.05 -6.50 17.35
C ASP A 225 -11.66 -6.47 18.76
N THR A 226 -12.84 -7.07 18.90
CA THR A 226 -13.32 -7.47 20.23
C THR A 226 -12.41 -8.58 20.79
N PRO A 227 -12.01 -9.57 19.95
CA PRO A 227 -11.05 -10.55 20.49
C PRO A 227 -9.72 -9.95 20.90
N ILE A 228 -9.29 -8.88 20.23
CA ILE A 228 -8.06 -8.19 20.56
C ILE A 228 -8.19 -7.42 21.87
N ASP A 229 -9.28 -6.66 22.00
CA ASP A 229 -9.54 -5.89 23.21
C ASP A 229 -9.65 -6.80 24.43
N THR A 230 -10.40 -7.88 24.29
CA THR A 230 -10.55 -8.88 25.34
C THR A 230 -9.19 -9.44 25.74
N PHE A 231 -8.41 -9.81 24.72
CA PHE A 231 -7.06 -10.34 24.89
C PHE A 231 -6.19 -9.44 25.74
N LEU A 232 -6.24 -8.13 25.47
CA LEU A 232 -5.43 -7.16 26.19
C LEU A 232 -5.97 -6.88 27.58
N MET A 233 -7.29 -6.82 27.71
CA MET A 233 -7.94 -6.58 28.99
C MET A 233 -7.57 -7.67 29.99
N GLU A 234 -7.51 -8.91 29.50
CA GLU A 234 -7.11 -10.05 30.31
C GLU A 234 -5.66 -9.87 30.77
N MET A 235 -4.81 -9.36 29.86
CA MET A 235 -3.42 -9.09 30.18
C MET A 235 -3.27 -8.00 31.23
N LEU A 236 -4.08 -6.97 31.13
CA LEU A 236 -3.99 -5.83 32.03
C LEU A 236 -4.47 -6.16 33.44
N GLU A 237 -5.44 -7.07 33.54
CA GLU A 237 -6.03 -7.43 34.83
C GLU A 237 -5.24 -8.54 35.54
N ALA A 238 -4.24 -9.08 34.85
CA ALA A 238 -3.37 -10.12 35.39
C ALA A 238 -2.51 -9.60 36.54
N PRO A 239 -1.96 -10.50 37.37
CA PRO A 239 -1.12 -10.06 38.49
C PRO A 239 0.19 -9.41 38.02
N HIS A 240 0.78 -8.58 38.87
CA HIS A 240 1.90 -7.75 38.42
C HIS A 240 2.95 -7.53 39.52
N GLN A 241 4.20 -7.38 39.09
CA GLN A 241 5.34 -7.06 39.96
C GLN A 241 5.64 -8.13 41.02
N PRO B 42 9.26 25.00 -23.42
CA PRO B 42 8.40 25.63 -22.42
C PRO B 42 8.79 25.29 -20.98
N ASN B 43 8.09 25.90 -20.04
CA ASN B 43 8.21 25.54 -18.63
C ASN B 43 6.92 24.88 -18.18
N ASP B 44 6.56 25.06 -16.91
CA ASP B 44 5.36 24.46 -16.34
C ASP B 44 5.33 22.96 -16.58
N PRO B 45 6.20 22.22 -15.88
CA PRO B 45 6.33 20.77 -16.09
C PRO B 45 5.05 19.99 -15.80
N VAL B 46 4.30 20.40 -14.79
CA VAL B 46 3.07 19.70 -14.43
C VAL B 46 2.03 19.80 -15.55
N THR B 47 1.90 20.99 -16.14
CA THR B 47 0.95 21.20 -17.23
C THR B 47 1.35 20.41 -18.49
N ASN B 48 2.65 20.40 -18.77
CA ASN B 48 3.19 19.59 -19.85
C ASN B 48 2.86 18.11 -19.64
N ILE B 49 3.01 17.66 -18.40
CA ILE B 49 2.72 16.30 -18.02
C ILE B 49 1.22 15.98 -18.15
N CYS B 50 0.38 16.92 -17.72
CA CYS B 50 -1.07 16.77 -17.84
C CYS B 50 -1.51 16.73 -19.29
N GLN B 51 -0.87 17.53 -20.13
CA GLN B 51 -1.19 17.58 -21.56
C GLN B 51 -0.88 16.26 -22.25
N ALA B 52 0.25 15.66 -21.86
CA ALA B 52 0.69 14.40 -22.44
C ALA B 52 -0.29 13.27 -22.09
N ALA B 53 -0.77 13.28 -20.84
CA ALA B 53 -1.75 12.30 -20.39
C ALA B 53 -3.08 12.53 -21.09
N ASP B 54 -3.40 13.80 -21.30
CA ASP B 54 -4.60 14.21 -22.02
C ASP B 54 -4.61 13.59 -23.42
N LYS B 55 -3.47 13.68 -24.09
CA LYS B 55 -3.31 13.17 -25.44
C LYS B 55 -3.50 11.66 -25.53
N GLN B 56 -2.91 10.94 -24.57
CA GLN B 56 -2.95 9.48 -24.56
C GLN B 56 -4.35 8.97 -24.30
N LEU B 57 -5.04 9.57 -23.33
CA LEU B 57 -6.41 9.18 -23.02
C LEU B 57 -7.34 9.40 -24.21
N PHE B 58 -7.12 10.47 -24.96
CA PHE B 58 -7.93 10.78 -26.13
C PHE B 58 -7.73 9.75 -27.21
N THR B 59 -6.47 9.37 -27.42
CA THR B 59 -6.11 8.28 -28.32
C THR B 59 -6.85 7.00 -27.95
N LEU B 60 -6.97 6.79 -26.65
CA LEU B 60 -7.67 5.63 -26.10
C LEU B 60 -9.18 5.74 -26.29
N VAL B 61 -9.71 6.95 -26.17
CA VAL B 61 -11.13 7.19 -26.36
C VAL B 61 -11.52 6.94 -27.82
N GLU B 62 -10.71 7.42 -28.76
CA GLU B 62 -10.97 7.23 -30.19
C GLU B 62 -10.91 5.75 -30.56
N TRP B 63 -9.98 5.02 -29.92
CA TRP B 63 -9.86 3.59 -30.14
C TRP B 63 -11.11 2.86 -29.65
N ALA B 64 -11.59 3.29 -28.47
CA ALA B 64 -12.74 2.65 -27.84
C ALA B 64 -14.01 2.83 -28.68
N LYS B 65 -14.14 4.01 -29.29
CA LYS B 65 -15.32 4.31 -30.11
C LYS B 65 -15.35 3.49 -31.39
N ARG B 66 -14.18 3.08 -31.86
CA ARG B 66 -14.07 2.27 -33.06
C ARG B 66 -14.34 0.79 -32.78
N ILE B 67 -14.37 0.44 -31.50
CA ILE B 67 -14.78 -0.88 -31.07
C ILE B 67 -16.29 -1.02 -31.25
N PRO B 68 -16.72 -2.05 -31.98
CA PRO B 68 -18.13 -2.29 -32.30
C PRO B 68 -19.04 -2.32 -31.07
N HIS B 69 -20.19 -1.66 -31.17
CA HIS B 69 -21.24 -1.64 -30.14
C HIS B 69 -20.88 -0.88 -28.86
N PHE B 70 -19.66 -0.36 -28.77
CA PHE B 70 -19.25 0.38 -27.59
C PHE B 70 -20.02 1.70 -27.47
N SER B 71 -20.15 2.42 -28.58
CA SER B 71 -20.81 3.72 -28.59
C SER B 71 -22.32 3.60 -28.40
N GLU B 72 -22.84 2.38 -28.55
CA GLU B 72 -24.27 2.13 -28.41
C GLU B 72 -24.66 2.04 -26.95
N LEU B 73 -23.67 1.84 -26.09
CA LEU B 73 -23.88 1.83 -24.64
C LEU B 73 -24.26 3.23 -24.16
N PRO B 74 -24.94 3.31 -23.00
CA PRO B 74 -25.19 4.61 -22.37
C PRO B 74 -23.88 5.35 -22.14
N LEU B 75 -23.89 6.66 -22.38
CA LEU B 75 -22.68 7.47 -22.29
C LEU B 75 -22.02 7.41 -20.91
N ASP B 76 -22.84 7.36 -19.86
CA ASP B 76 -22.32 7.26 -18.50
C ASP B 76 -21.60 5.94 -18.28
N ASP B 77 -22.09 4.88 -18.93
CA ASP B 77 -21.46 3.57 -18.84
C ASP B 77 -20.14 3.53 -19.62
N GLN B 78 -20.08 4.26 -20.72
CA GLN B 78 -18.85 4.37 -21.50
C GLN B 78 -17.74 5.02 -20.68
N VAL B 79 -18.11 6.06 -19.94
CA VAL B 79 -17.17 6.77 -19.06
C VAL B 79 -16.66 5.84 -17.96
N ILE B 80 -17.59 5.09 -17.37
CA ILE B 80 -17.26 4.16 -16.30
C ILE B 80 -16.25 3.10 -16.76
N LEU B 81 -16.49 2.52 -17.92
CA LEU B 81 -15.61 1.50 -18.48
C LEU B 81 -14.22 2.04 -18.76
N LEU B 82 -14.15 3.28 -19.25
CA LEU B 82 -12.87 3.90 -19.56
C LEU B 82 -12.06 4.20 -18.31
N ARG B 83 -12.73 4.74 -17.28
CA ARG B 83 -12.07 5.02 -16.01
C ARG B 83 -11.59 3.73 -15.34
N ALA B 84 -12.40 2.68 -15.46
CA ALA B 84 -12.07 1.40 -14.83
C ALA B 84 -10.93 0.69 -15.56
N GLY B 85 -10.77 0.99 -16.85
CA GLY B 85 -9.87 0.21 -17.68
C GLY B 85 -8.67 0.91 -18.28
N TRP B 86 -8.67 2.24 -18.31
CA TRP B 86 -7.64 2.99 -19.04
C TRP B 86 -6.22 2.62 -18.64
N ASN B 87 -6.04 2.24 -17.38
CA ASN B 87 -4.70 1.91 -16.89
C ASN B 87 -4.18 0.59 -17.48
N GLU B 88 -4.99 -0.46 -17.41
CA GLU B 88 -4.63 -1.75 -17.98
C GLU B 88 -4.55 -1.67 -19.51
N LEU B 89 -5.42 -0.86 -20.09
CA LEU B 89 -5.48 -0.69 -21.53
C LEU B 89 -4.20 -0.09 -22.09
N LEU B 90 -3.69 0.92 -21.39
CA LEU B 90 -2.46 1.58 -21.81
C LEU B 90 -1.24 0.70 -21.56
N ILE B 91 -1.25 -0.01 -20.43
CA ILE B 91 -0.16 -0.92 -20.09
C ILE B 91 -0.06 -2.04 -21.13
N ALA B 92 -1.21 -2.58 -21.52
CA ALA B 92 -1.26 -3.62 -22.54
C ALA B 92 -0.69 -3.10 -23.86
N SER B 93 -0.96 -1.84 -24.16
CA SER B 93 -0.51 -1.25 -25.42
C SER B 93 1.00 -1.11 -25.51
N PHE B 94 1.63 -0.49 -24.53
CA PHE B 94 3.07 -0.24 -24.64
C PHE B 94 3.87 -1.50 -24.34
N SER B 95 3.24 -2.47 -23.66
CA SER B 95 3.88 -3.75 -23.40
C SER B 95 4.08 -4.49 -24.72
N HIS B 96 3.02 -4.53 -25.52
CA HIS B 96 3.06 -5.20 -26.82
C HIS B 96 3.94 -4.42 -27.79
N ARG B 97 3.96 -3.11 -27.65
CA ARG B 97 4.78 -2.24 -28.49
C ARG B 97 6.26 -2.47 -28.20
N SER B 98 6.54 -2.90 -26.98
CA SER B 98 7.90 -3.08 -26.51
C SER B 98 8.45 -4.48 -26.80
N ILE B 99 7.79 -5.21 -27.69
CA ILE B 99 8.25 -6.55 -28.05
C ILE B 99 9.58 -6.46 -28.80
N ALA B 100 9.72 -5.42 -29.63
CA ALA B 100 10.91 -5.23 -30.44
C ALA B 100 12.14 -4.87 -29.60
N VAL B 101 11.93 -4.14 -28.51
CA VAL B 101 13.04 -3.67 -27.70
C VAL B 101 13.44 -4.66 -26.61
N LYS B 102 14.66 -4.52 -26.11
CA LYS B 102 15.20 -5.40 -25.09
C LYS B 102 15.43 -4.65 -23.77
N ASP B 103 15.08 -5.29 -22.67
CA ASP B 103 15.28 -4.72 -21.33
C ASP B 103 14.70 -3.32 -21.19
N GLY B 104 13.60 -3.04 -21.91
CA GLY B 104 13.03 -1.72 -21.88
C GLY B 104 11.59 -1.61 -22.37
N ILE B 105 11.07 -0.38 -22.30
CA ILE B 105 9.71 -0.09 -22.72
C ILE B 105 9.70 1.01 -23.78
N LEU B 106 8.98 0.76 -24.87
CA LEU B 106 8.87 1.72 -25.96
C LEU B 106 7.59 2.53 -25.86
N LEU B 107 7.72 3.82 -25.57
CA LEU B 107 6.56 4.71 -25.46
C LEU B 107 6.05 5.15 -26.83
N ALA B 108 4.82 5.64 -26.87
CA ALA B 108 4.21 6.07 -28.12
C ALA B 108 4.96 7.25 -28.74
N THR B 109 5.67 8.00 -27.89
CA THR B 109 6.44 9.15 -28.34
C THR B 109 7.78 8.75 -28.95
N GLY B 110 8.06 7.44 -28.95
CA GLY B 110 9.28 6.92 -29.53
C GLY B 110 10.39 6.83 -28.49
N LEU B 111 10.10 7.27 -27.28
CA LEU B 111 11.07 7.26 -26.19
C LEU B 111 11.31 5.85 -25.66
N HIS B 112 12.58 5.44 -25.64
CA HIS B 112 12.97 4.18 -25.02
C HIS B 112 13.25 4.40 -23.52
N VAL B 113 12.63 3.58 -22.68
CA VAL B 113 12.92 3.63 -21.25
C VAL B 113 13.55 2.32 -20.80
N HIS B 114 14.82 2.39 -20.40
CA HIS B 114 15.56 1.20 -20.02
C HIS B 114 15.34 0.85 -18.55
N ARG B 115 15.63 -0.41 -18.19
CA ARG B 115 15.34 -0.93 -16.87
C ARG B 115 16.00 -0.13 -15.74
N ASN B 116 17.23 0.32 -15.96
CA ASN B 116 17.99 1.01 -14.92
C ASN B 116 17.40 2.38 -14.54
N SER B 117 16.82 3.08 -15.50
CA SER B 117 16.17 4.36 -15.23
C SER B 117 14.98 4.12 -14.31
N ALA B 118 14.29 3.01 -14.55
CA ALA B 118 13.14 2.62 -13.75
C ALA B 118 13.56 2.32 -12.31
N HIS B 119 14.62 1.54 -12.16
CA HIS B 119 15.15 1.23 -10.84
C HIS B 119 15.70 2.48 -10.17
N SER B 120 16.30 3.36 -10.97
CA SER B 120 16.80 4.63 -10.46
C SER B 120 15.66 5.56 -10.07
N ALA B 121 14.51 5.38 -10.74
CA ALA B 121 13.33 6.19 -10.46
C ALA B 121 12.50 5.57 -9.33
N GLY B 122 12.95 4.41 -8.84
CA GLY B 122 12.33 3.77 -7.69
C GLY B 122 11.15 2.89 -8.04
N VAL B 123 11.00 2.57 -9.32
CA VAL B 123 9.91 1.71 -9.77
C VAL B 123 10.42 0.51 -10.55
N GLY B 124 11.58 0.01 -10.15
CA GLY B 124 12.21 -1.10 -10.85
C GLY B 124 11.49 -2.43 -10.68
N ALA B 125 10.80 -2.61 -9.56
CA ALA B 125 10.11 -3.86 -9.28
C ALA B 125 8.97 -4.12 -10.26
N ILE B 126 8.14 -3.12 -10.48
CA ILE B 126 7.03 -3.22 -11.41
C ILE B 126 7.50 -3.30 -12.85
N PHE B 127 8.55 -2.53 -13.17
CA PHE B 127 9.11 -2.50 -14.50
C PHE B 127 9.55 -3.91 -14.92
N ASP B 128 10.12 -4.64 -13.97
CA ASP B 128 10.52 -6.03 -14.19
C ASP B 128 9.30 -6.93 -14.35
N ARG B 129 8.26 -6.67 -13.58
CA ARG B 129 7.02 -7.45 -13.69
C ARG B 129 6.39 -7.22 -15.06
N VAL B 130 6.45 -5.98 -15.54
CA VAL B 130 5.94 -5.65 -16.87
C VAL B 130 6.72 -6.41 -17.95
N LEU B 131 8.04 -6.41 -17.83
CA LEU B 131 8.90 -7.08 -18.80
C LEU B 131 8.75 -8.59 -18.77
N THR B 132 8.65 -9.15 -17.56
CA THR B 132 8.61 -10.60 -17.39
C THR B 132 7.23 -11.18 -17.65
N GLU B 133 6.20 -10.59 -17.06
CA GLU B 133 4.86 -11.16 -17.08
C GLU B 133 4.05 -10.73 -18.31
N LEU B 134 4.46 -9.64 -18.94
CA LEU B 134 3.71 -9.14 -20.09
C LEU B 134 4.54 -9.15 -21.38
N VAL B 135 5.56 -8.31 -21.43
CA VAL B 135 6.35 -8.10 -22.65
C VAL B 135 6.99 -9.39 -23.19
N SER B 136 7.74 -10.09 -22.36
CA SER B 136 8.44 -11.29 -22.81
C SER B 136 7.46 -12.42 -23.15
N LYS B 137 6.37 -12.50 -22.41
CA LYS B 137 5.34 -13.51 -22.67
C LYS B 137 4.66 -13.24 -24.00
N MET B 138 4.39 -11.97 -24.28
CA MET B 138 3.83 -11.57 -25.57
C MET B 138 4.77 -11.91 -26.70
N ARG B 139 6.06 -11.65 -26.49
CA ARG B 139 7.08 -11.90 -27.50
C ARG B 139 7.25 -13.39 -27.78
N ASP B 140 7.31 -14.18 -26.71
CA ASP B 140 7.52 -15.62 -26.82
C ASP B 140 6.43 -16.32 -27.63
N MET B 141 5.18 -15.95 -27.40
CA MET B 141 4.06 -16.59 -28.08
C MET B 141 3.70 -15.86 -29.37
N GLN B 142 4.43 -14.79 -29.65
CA GLN B 142 4.23 -13.98 -30.86
C GLN B 142 2.79 -13.50 -30.98
N MET B 143 2.30 -12.86 -29.92
CA MET B 143 0.95 -12.31 -29.92
C MET B 143 0.81 -11.24 -30.99
N ASP B 144 -0.14 -11.44 -31.91
CA ASP B 144 -0.35 -10.48 -32.98
C ASP B 144 -1.29 -9.36 -32.55
N LYS B 145 -1.50 -8.38 -33.42
CA LYS B 145 -2.24 -7.19 -33.06
C LYS B 145 -3.75 -7.43 -33.00
N THR B 146 -4.21 -8.47 -33.68
CA THR B 146 -5.62 -8.85 -33.62
C THR B 146 -5.94 -9.42 -32.25
N GLU B 147 -5.03 -10.23 -31.72
CA GLU B 147 -5.20 -10.82 -30.40
C GLU B 147 -5.10 -9.75 -29.31
N LEU B 148 -4.18 -8.80 -29.49
CA LEU B 148 -4.00 -7.71 -28.55
C LEU B 148 -5.26 -6.84 -28.50
N GLY B 149 -5.82 -6.54 -29.66
CA GLY B 149 -7.03 -5.74 -29.75
C GLY B 149 -8.21 -6.39 -29.06
N CYS B 150 -8.32 -7.71 -29.21
CA CYS B 150 -9.41 -8.45 -28.56
C CYS B 150 -9.26 -8.44 -27.05
N LEU B 151 -8.04 -8.64 -26.56
CA LEU B 151 -7.77 -8.64 -25.13
C LEU B 151 -8.10 -7.28 -24.51
N ARG B 152 -7.74 -6.22 -25.20
CA ARG B 152 -8.05 -4.86 -24.74
C ARG B 152 -9.55 -4.60 -24.81
N ALA B 153 -10.21 -5.20 -25.79
CA ALA B 153 -11.65 -5.08 -25.92
C ALA B 153 -12.34 -5.79 -24.76
N ILE B 154 -11.79 -6.93 -24.37
CA ILE B 154 -12.30 -7.69 -23.22
C ILE B 154 -12.12 -6.89 -21.93
N VAL B 155 -10.94 -6.30 -21.79
CA VAL B 155 -10.65 -5.44 -20.64
C VAL B 155 -11.60 -4.26 -20.60
N LEU B 156 -11.81 -3.63 -21.75
CA LEU B 156 -12.71 -2.49 -21.88
C LEU B 156 -14.13 -2.85 -21.46
N PHE B 157 -14.61 -4.00 -21.95
CA PHE B 157 -15.93 -4.49 -21.58
C PHE B 157 -15.89 -5.24 -20.26
N ASN B 158 -15.57 -4.53 -19.19
CA ASN B 158 -15.50 -5.11 -17.85
C ASN B 158 -16.83 -4.95 -17.11
N PRO B 159 -17.57 -6.05 -16.97
CA PRO B 159 -18.89 -6.03 -16.33
C PRO B 159 -18.82 -5.89 -14.80
N ASP B 160 -17.61 -5.95 -14.25
CA ASP B 160 -17.41 -5.83 -12.82
C ASP B 160 -17.23 -4.38 -12.39
N SER B 161 -17.18 -3.49 -13.38
CA SER B 161 -17.06 -2.05 -13.14
C SER B 161 -18.24 -1.55 -12.32
N LYS B 162 -17.96 -0.72 -11.32
CA LYS B 162 -18.99 -0.26 -10.40
C LYS B 162 -19.82 0.87 -10.99
N GLY B 163 -21.13 0.79 -10.78
CA GLY B 163 -22.02 1.86 -11.18
C GLY B 163 -22.61 1.70 -12.57
N LEU B 164 -22.30 0.59 -13.23
CA LEU B 164 -22.85 0.30 -14.55
C LEU B 164 -24.36 0.17 -14.49
N SER B 165 -25.06 0.83 -15.41
CA SER B 165 -26.51 0.78 -15.43
C SER B 165 -27.00 -0.57 -15.94
N ASN B 166 -26.24 -1.18 -16.84
CA ASN B 166 -26.56 -2.51 -17.34
C ASN B 166 -25.32 -3.35 -17.56
N PRO B 167 -24.88 -4.05 -16.51
CA PRO B 167 -23.70 -4.92 -16.53
C PRO B 167 -23.85 -6.09 -17.50
N ALA B 168 -25.05 -6.65 -17.57
CA ALA B 168 -25.33 -7.78 -18.45
C ALA B 168 -25.09 -7.41 -19.91
N GLU B 169 -25.41 -6.17 -20.26
CA GLU B 169 -25.19 -5.66 -21.60
C GLU B 169 -23.70 -5.63 -21.92
N VAL B 170 -22.92 -5.16 -20.95
CA VAL B 170 -21.47 -5.12 -21.06
C VAL B 170 -20.89 -6.53 -21.11
N GLU B 171 -21.43 -7.41 -20.27
CA GLU B 171 -20.99 -8.80 -20.21
C GLU B 171 -21.23 -9.50 -21.55
N ALA B 172 -22.37 -9.22 -22.15
CA ALA B 172 -22.74 -9.80 -23.44
C ALA B 172 -21.76 -9.39 -24.53
N LEU B 173 -21.33 -8.13 -24.49
CA LEU B 173 -20.37 -7.62 -25.46
C LEU B 173 -19.01 -8.26 -25.28
N ARG B 174 -18.63 -8.50 -24.03
CA ARG B 174 -17.38 -9.19 -23.73
C ARG B 174 -17.41 -10.63 -24.26
N GLU B 175 -18.53 -11.30 -24.03
CA GLU B 175 -18.74 -12.67 -24.51
C GLU B 175 -18.59 -12.75 -26.02
N LYS B 176 -19.20 -11.80 -26.73
CA LYS B 176 -19.09 -11.72 -28.18
C LYS B 176 -17.64 -11.60 -28.61
N VAL B 177 -16.87 -10.83 -27.85
CA VAL B 177 -15.48 -10.58 -28.21
C VAL B 177 -14.61 -11.83 -28.08
N TYR B 178 -14.64 -12.50 -26.93
CA TYR B 178 -13.74 -13.64 -26.75
C TYR B 178 -14.23 -14.88 -27.50
N ALA B 179 -15.49 -14.86 -27.93
CA ALA B 179 -15.97 -15.89 -28.84
C ALA B 179 -15.27 -15.74 -30.18
N SER B 180 -15.13 -14.50 -30.62
CA SER B 180 -14.43 -14.18 -31.85
C SER B 180 -12.95 -14.48 -31.75
N LEU B 181 -12.37 -14.17 -30.59
CA LEU B 181 -10.94 -14.39 -30.36
C LEU B 181 -10.60 -15.87 -30.42
N GLU B 182 -11.49 -16.71 -29.88
CA GLU B 182 -11.28 -18.15 -29.91
C GLU B 182 -11.32 -18.68 -31.34
N ALA B 183 -12.30 -18.21 -32.10
CA ALA B 183 -12.44 -18.59 -33.50
C ALA B 183 -11.18 -18.21 -34.28
N TYR B 184 -10.69 -17.00 -34.05
CA TYR B 184 -9.48 -16.50 -34.70
C TYR B 184 -8.28 -17.37 -34.37
N CYS B 185 -8.11 -17.70 -33.09
CA CYS B 185 -6.98 -18.48 -32.63
C CYS B 185 -6.99 -19.90 -33.19
N LYS B 186 -8.19 -20.49 -33.26
CA LYS B 186 -8.31 -21.86 -33.76
C LYS B 186 -8.09 -21.92 -35.27
N HIS B 187 -8.42 -20.83 -35.95
CA HIS B 187 -8.27 -20.77 -37.40
C HIS B 187 -6.82 -20.47 -37.81
N LYS B 188 -6.21 -19.49 -37.15
CA LYS B 188 -4.88 -19.05 -37.52
C LYS B 188 -3.78 -19.89 -36.86
N TYR B 189 -4.06 -20.41 -35.67
CA TYR B 189 -3.09 -21.24 -34.97
C TYR B 189 -3.69 -22.57 -34.52
N PRO B 190 -4.10 -23.43 -35.48
CA PRO B 190 -4.76 -24.70 -35.13
C PRO B 190 -3.83 -25.69 -34.44
N GLU B 191 -2.52 -25.55 -34.67
CA GLU B 191 -1.54 -26.43 -34.05
C GLU B 191 -1.33 -26.06 -32.59
N GLN B 192 -1.95 -24.96 -32.18
CA GLN B 192 -1.89 -24.49 -30.80
C GLN B 192 -3.30 -24.41 -30.21
N PRO B 193 -3.81 -25.55 -29.71
CA PRO B 193 -5.18 -25.60 -29.17
C PRO B 193 -5.36 -24.78 -27.90
N GLY B 194 -4.28 -24.54 -27.16
CA GLY B 194 -4.36 -23.86 -25.89
C GLY B 194 -4.01 -22.39 -25.94
N ARG B 195 -3.89 -21.85 -27.15
CA ARG B 195 -3.47 -20.46 -27.33
C ARG B 195 -4.52 -19.47 -26.82
N PHE B 196 -5.79 -19.82 -27.01
CA PHE B 196 -6.89 -18.95 -26.56
C PHE B 196 -6.84 -18.73 -25.06
N ALA B 197 -6.69 -19.81 -24.31
CA ALA B 197 -6.61 -19.74 -22.85
C ALA B 197 -5.36 -18.99 -22.41
N LYS B 198 -4.24 -19.23 -23.08
CA LYS B 198 -2.97 -18.59 -22.75
C LYS B 198 -3.08 -17.07 -22.86
N LEU B 199 -3.87 -16.61 -23.84
CA LEU B 199 -4.13 -15.17 -23.99
C LEU B 199 -4.91 -14.63 -22.81
N LEU B 200 -5.98 -15.34 -22.44
CA LEU B 200 -6.85 -14.92 -21.35
C LEU B 200 -6.13 -14.92 -20.01
N LEU B 201 -5.15 -15.82 -19.88
CA LEU B 201 -4.46 -15.99 -18.61
C LEU B 201 -3.32 -14.99 -18.43
N ARG B 202 -3.26 -13.99 -19.31
CA ARG B 202 -2.35 -12.87 -19.16
C ARG B 202 -3.08 -11.71 -18.48
N LEU B 203 -4.41 -11.82 -18.47
CA LEU B 203 -5.27 -10.80 -17.86
C LEU B 203 -5.13 -10.66 -16.35
N PRO B 204 -4.97 -11.78 -15.61
CA PRO B 204 -4.71 -11.58 -14.18
C PRO B 204 -3.41 -10.83 -13.91
N ALA B 205 -2.37 -11.12 -14.70
CA ALA B 205 -1.10 -10.42 -14.58
C ALA B 205 -1.30 -8.93 -14.86
N LEU B 206 -2.07 -8.64 -15.91
CA LEU B 206 -2.37 -7.26 -16.28
C LEU B 206 -3.14 -6.54 -15.17
N ARG B 207 -4.00 -7.28 -14.49
CA ARG B 207 -4.81 -6.74 -13.41
C ARG B 207 -3.95 -6.28 -12.23
N SER B 208 -3.07 -7.16 -11.77
CA SER B 208 -2.20 -6.86 -10.63
C SER B 208 -1.15 -5.82 -10.98
N ILE B 209 -0.54 -5.96 -12.15
CA ILE B 209 0.44 -5.00 -12.63
C ILE B 209 -0.19 -3.61 -12.77
N GLY B 210 -1.44 -3.59 -13.21
CA GLY B 210 -2.18 -2.34 -13.32
C GLY B 210 -2.34 -1.67 -11.97
N LEU B 211 -2.69 -2.44 -10.96
CA LEU B 211 -2.85 -1.91 -9.60
C LEU B 211 -1.54 -1.40 -9.04
N LYS B 212 -0.48 -2.17 -9.21
CA LYS B 212 0.84 -1.79 -8.70
C LYS B 212 1.33 -0.51 -9.36
N CYS B 213 1.06 -0.36 -10.65
CA CYS B 213 1.49 0.82 -11.41
C CYS B 213 0.89 2.10 -10.86
N LEU B 214 -0.39 2.06 -10.54
CA LEU B 214 -1.07 3.21 -9.94
C LEU B 214 -0.55 3.43 -8.51
N GLU B 215 -0.34 2.31 -7.81
CA GLU B 215 0.11 2.33 -6.42
C GLU B 215 1.48 2.98 -6.26
N HIS B 216 2.38 2.71 -7.20
CA HIS B 216 3.75 3.22 -7.12
C HIS B 216 3.98 4.41 -8.05
N LEU B 217 2.91 5.00 -8.55
CA LEU B 217 2.99 6.19 -9.40
C LEU B 217 3.89 5.98 -10.61
N PHE B 218 3.66 4.87 -11.30
CA PHE B 218 4.51 4.40 -12.40
C PHE B 218 4.75 5.43 -13.49
N PHE B 219 3.67 5.99 -14.02
CA PHE B 219 3.75 6.98 -15.10
C PHE B 219 4.39 8.28 -14.64
N PHE B 220 4.00 8.74 -13.46
CA PHE B 220 4.50 9.98 -12.91
C PHE B 220 6.01 9.95 -12.77
N LYS B 221 6.53 8.84 -12.27
CA LYS B 221 7.97 8.69 -12.05
C LYS B 221 8.72 8.40 -13.35
N LEU B 222 8.03 7.87 -14.35
CA LEU B 222 8.68 7.57 -15.62
C LEU B 222 8.57 8.72 -16.62
N ILE B 223 7.37 9.26 -16.77
CA ILE B 223 7.14 10.35 -17.71
C ILE B 223 7.51 11.71 -17.12
N GLY B 224 7.32 11.87 -15.81
CA GLY B 224 7.38 13.19 -15.20
C GLY B 224 8.63 13.55 -14.42
N ASP B 225 9.49 12.57 -14.15
CA ASP B 225 10.69 12.83 -13.36
C ASP B 225 11.62 13.86 -14.00
N THR B 226 11.99 13.62 -15.25
CA THR B 226 12.91 14.51 -15.98
C THR B 226 12.39 15.94 -16.19
N PRO B 227 11.13 16.10 -16.65
CA PRO B 227 10.69 17.49 -16.85
C PRO B 227 10.58 18.30 -15.56
N ILE B 228 10.25 17.63 -14.46
CA ILE B 228 10.15 18.28 -13.16
C ILE B 228 11.52 18.58 -12.58
N ASP B 229 12.39 17.57 -12.60
CA ASP B 229 13.77 17.73 -12.12
C ASP B 229 14.50 18.85 -12.86
N THR B 230 14.33 18.88 -14.18
CA THR B 230 14.89 19.93 -15.02
C THR B 230 14.39 21.30 -14.59
N PHE B 231 13.08 21.39 -14.35
CA PHE B 231 12.45 22.65 -13.96
C PHE B 231 12.97 23.13 -12.60
N LEU B 232 13.04 22.22 -11.64
CA LEU B 232 13.56 22.53 -10.31
C LEU B 232 15.01 22.97 -10.39
N MET B 233 15.80 22.20 -11.15
CA MET B 233 17.23 22.46 -11.33
C MET B 233 17.49 23.86 -11.88
N GLU B 234 16.70 24.27 -12.85
CA GLU B 234 16.86 25.59 -13.47
C GLU B 234 16.43 26.71 -12.51
N MET B 235 15.42 26.44 -11.70
CA MET B 235 14.96 27.39 -10.71
C MET B 235 15.96 27.58 -9.58
N LEU B 236 16.61 26.48 -9.20
CA LEU B 236 17.53 26.49 -8.07
C LEU B 236 18.85 27.16 -8.39
N GLU B 237 19.28 27.04 -9.65
CA GLU B 237 20.50 27.71 -10.10
C GLU B 237 20.24 29.19 -10.39
N ALA B 238 18.96 29.57 -10.43
CA ALA B 238 18.58 30.94 -10.70
C ALA B 238 18.82 31.82 -9.47
N PRO B 239 18.68 33.16 -9.62
CA PRO B 239 18.79 34.00 -8.42
C PRO B 239 17.60 33.81 -7.47
N ASN C 43 4.65 -29.96 15.98
CA ASN C 43 4.81 -28.91 14.98
C ASN C 43 3.48 -28.29 14.57
N ASP C 44 3.28 -27.03 14.93
CA ASP C 44 2.08 -26.29 14.57
C ASP C 44 2.46 -24.82 14.44
N PRO C 45 3.02 -24.44 13.28
CA PRO C 45 3.69 -23.15 13.06
C PRO C 45 2.87 -21.92 13.42
N VAL C 46 1.62 -21.84 12.95
CA VAL C 46 0.80 -20.65 13.18
C VAL C 46 0.53 -20.42 14.68
N THR C 47 0.23 -21.50 15.40
CA THR C 47 -0.03 -21.40 16.83
C THR C 47 1.24 -21.02 17.59
N ASN C 48 2.36 -21.60 17.18
CA ASN C 48 3.67 -21.24 17.73
C ASN C 48 3.96 -19.75 17.56
N ILE C 49 3.61 -19.24 16.38
CA ILE C 49 3.83 -17.85 16.03
C ILE C 49 2.92 -16.94 16.87
N CYS C 50 1.67 -17.35 17.05
CA CYS C 50 0.72 -16.60 17.86
C CYS C 50 1.16 -16.56 19.32
N GLN C 51 1.69 -17.68 19.81
CA GLN C 51 2.17 -17.78 21.19
C GLN C 51 3.37 -16.86 21.42
N ALA C 52 4.24 -16.76 20.42
CA ALA C 52 5.41 -15.90 20.53
C ALA C 52 5.00 -14.43 20.59
N ALA C 53 4.01 -14.06 19.79
CA ALA C 53 3.45 -12.72 19.82
C ALA C 53 2.76 -12.45 21.15
N ASP C 54 2.21 -13.51 21.74
CA ASP C 54 1.50 -13.42 23.01
C ASP C 54 2.44 -12.97 24.12
N LYS C 55 3.64 -13.53 24.12
CA LYS C 55 4.68 -13.17 25.08
C LYS C 55 5.08 -11.71 24.98
N GLN C 56 5.43 -11.28 23.77
CA GLN C 56 5.91 -9.92 23.55
C GLN C 56 4.88 -8.88 23.94
N LEU C 57 3.61 -9.15 23.60
CA LEU C 57 2.53 -8.25 23.99
C LEU C 57 2.42 -8.17 25.51
N PHE C 58 2.55 -9.31 26.17
CA PHE C 58 2.45 -9.37 27.62
C PHE C 58 3.61 -8.66 28.29
N THR C 59 4.81 -8.91 27.79
CA THR C 59 6.02 -8.23 28.24
C THR C 59 5.83 -6.72 28.12
N LEU C 60 5.17 -6.31 27.05
CA LEU C 60 4.88 -4.91 26.80
C LEU C 60 3.82 -4.37 27.76
N VAL C 61 2.85 -5.20 28.10
CA VAL C 61 1.80 -4.81 29.04
C VAL C 61 2.36 -4.59 30.43
N GLU C 62 3.22 -5.50 30.89
CA GLU C 62 3.85 -5.38 32.19
C GLU C 62 4.72 -4.14 32.28
N TRP C 63 5.41 -3.81 31.19
CA TRP C 63 6.23 -2.62 31.11
C TRP C 63 5.36 -1.37 31.22
N ALA C 64 4.23 -1.40 30.55
CA ALA C 64 3.32 -0.25 30.50
C ALA C 64 2.73 0.05 31.87
N LYS C 65 2.40 -1.00 32.63
CA LYS C 65 1.83 -0.83 33.96
C LYS C 65 2.85 -0.27 34.94
N ARG C 66 4.13 -0.49 34.67
CA ARG C 66 5.19 0.05 35.53
C ARG C 66 5.45 1.53 35.24
N ILE C 67 4.95 2.00 34.10
CA ILE C 67 5.00 3.42 33.79
C ILE C 67 4.04 4.16 34.69
N PRO C 68 4.53 5.18 35.41
CA PRO C 68 3.74 5.96 36.36
C PRO C 68 2.46 6.54 35.76
N HIS C 69 1.36 6.44 36.51
CA HIS C 69 0.06 7.03 36.16
C HIS C 69 -0.67 6.34 35.01
N PHE C 70 -0.01 5.38 34.35
CA PHE C 70 -0.64 4.67 33.25
C PHE C 70 -1.85 3.84 33.70
N SER C 71 -1.69 3.14 34.82
CA SER C 71 -2.74 2.28 35.34
C SER C 71 -3.90 3.06 35.93
N GLU C 72 -3.67 4.36 36.16
CA GLU C 72 -4.69 5.23 36.72
C GLU C 72 -5.67 5.67 35.65
N LEU C 73 -5.28 5.48 34.39
CA LEU C 73 -6.15 5.76 33.25
C LEU C 73 -7.31 4.77 33.21
N PRO C 74 -8.41 5.16 32.54
CA PRO C 74 -9.49 4.22 32.25
C PRO C 74 -8.96 2.98 31.55
N LEU C 75 -9.46 1.80 31.92
CA LEU C 75 -8.94 0.55 31.39
C LEU C 75 -9.11 0.47 29.88
N ASP C 76 -10.20 1.04 29.36
CA ASP C 76 -10.43 1.08 27.93
C ASP C 76 -9.36 1.90 27.22
N ASP C 77 -9.02 3.04 27.81
CA ASP C 77 -8.00 3.92 27.25
C ASP C 77 -6.62 3.27 27.27
N GLN C 78 -6.38 2.43 28.29
CA GLN C 78 -5.12 1.67 28.37
C GLN C 78 -5.01 0.71 27.20
N VAL C 79 -6.12 0.03 26.89
CA VAL C 79 -6.18 -0.89 25.77
C VAL C 79 -5.95 -0.15 24.45
N ILE C 80 -6.63 0.99 24.30
CA ILE C 80 -6.52 1.80 23.09
C ILE C 80 -5.08 2.25 22.83
N LEU C 81 -4.41 2.71 23.87
CA LEU C 81 -3.03 3.17 23.76
C LEU C 81 -2.09 2.04 23.37
N LEU C 82 -2.33 0.85 23.92
CA LEU C 82 -1.49 -0.31 23.63
C LEU C 82 -1.66 -0.77 22.19
N ARG C 83 -2.90 -0.84 21.73
CA ARG C 83 -3.18 -1.21 20.34
C ARG C 83 -2.59 -0.19 19.37
N ALA C 84 -2.69 1.08 19.72
CA ALA C 84 -2.22 2.14 18.86
C ALA C 84 -0.69 2.20 18.81
N GLY C 85 -0.04 1.74 19.88
CA GLY C 85 1.39 1.93 20.02
C GLY C 85 2.28 0.71 20.02
N TRP C 86 1.72 -0.48 20.20
CA TRP C 86 2.53 -1.69 20.40
C TRP C 86 3.54 -1.93 19.28
N ASN C 87 3.21 -1.51 18.07
CA ASN C 87 4.10 -1.73 16.94
C ASN C 87 5.36 -0.86 17.02
N GLU C 88 5.18 0.43 17.22
CA GLU C 88 6.32 1.35 17.36
C GLU C 88 7.11 1.05 18.63
N LEU C 89 6.39 0.66 19.68
CA LEU C 89 7.02 0.37 20.97
C LEU C 89 7.99 -0.80 20.87
N LEU C 90 7.58 -1.84 20.16
CA LEU C 90 8.43 -3.02 19.98
C LEU C 90 9.59 -2.73 19.03
N ILE C 91 9.33 -1.96 17.99
CA ILE C 91 10.36 -1.58 17.03
C ILE C 91 11.44 -0.74 17.71
N ALA C 92 11.02 0.19 18.56
CA ALA C 92 11.94 1.01 19.32
C ALA C 92 12.82 0.15 20.23
N SER C 93 12.22 -0.90 20.78
CA SER C 93 12.92 -1.78 21.70
C SER C 93 14.05 -2.57 21.03
N PHE C 94 13.75 -3.29 19.94
CA PHE C 94 14.78 -4.13 19.34
C PHE C 94 15.77 -3.30 18.52
N SER C 95 15.36 -2.11 18.12
CA SER C 95 16.27 -1.20 17.42
C SER C 95 17.40 -0.79 18.35
N HIS C 96 17.04 -0.37 19.55
CA HIS C 96 18.00 0.03 20.55
C HIS C 96 18.80 -1.18 21.05
N ARG C 97 18.13 -2.33 21.10
CA ARG C 97 18.79 -3.55 21.54
C ARG C 97 19.82 -4.02 20.52
N SER C 98 19.66 -3.57 19.28
CA SER C 98 20.53 -3.99 18.19
C SER C 98 21.72 -3.06 17.98
N ILE C 99 21.97 -2.17 18.94
CA ILE C 99 23.09 -1.24 18.85
C ILE C 99 24.42 -1.99 18.86
N ALA C 100 24.50 -3.03 19.68
CA ALA C 100 25.71 -3.84 19.78
C ALA C 100 25.97 -4.63 18.51
N VAL C 101 24.92 -4.93 17.77
CA VAL C 101 25.00 -5.78 16.57
C VAL C 101 25.33 -4.96 15.31
N LYS C 102 26.00 -5.60 14.35
CA LYS C 102 26.28 -4.98 13.07
C LYS C 102 25.45 -5.65 11.96
N ASP C 103 24.94 -4.84 11.04
CA ASP C 103 24.22 -5.34 9.86
C ASP C 103 23.08 -6.30 10.21
N GLY C 104 22.51 -6.12 11.41
CA GLY C 104 21.47 -7.03 11.87
C GLY C 104 20.63 -6.52 13.00
N ILE C 105 19.66 -7.33 13.41
CA ILE C 105 18.71 -6.97 14.45
C ILE C 105 18.66 -8.05 15.52
N LEU C 106 18.76 -7.64 16.78
CA LEU C 106 18.74 -8.57 17.90
C LEU C 106 17.36 -8.64 18.52
N LEU C 107 16.72 -9.80 18.41
CA LEU C 107 15.40 -10.01 18.98
C LEU C 107 15.48 -10.28 20.47
N ALA C 108 14.38 -10.10 21.18
CA ALA C 108 14.34 -10.36 22.62
C ALA C 108 14.55 -11.85 22.91
N THR C 109 14.24 -12.69 21.91
CA THR C 109 14.39 -14.13 22.05
C THR C 109 15.84 -14.57 21.85
N GLY C 110 16.74 -13.59 21.72
CA GLY C 110 18.16 -13.87 21.55
C GLY C 110 18.54 -14.16 20.12
N LEU C 111 17.55 -14.22 19.23
CA LEU C 111 17.79 -14.57 17.83
C LEU C 111 18.35 -13.40 17.03
N HIS C 112 19.51 -13.62 16.42
CA HIS C 112 20.13 -12.61 15.56
C HIS C 112 19.63 -12.75 14.13
N VAL C 113 19.11 -11.66 13.59
CA VAL C 113 18.59 -11.66 12.23
C VAL C 113 19.46 -10.81 11.32
N HIS C 114 20.00 -11.42 10.27
CA HIS C 114 20.91 -10.72 9.37
C HIS C 114 20.19 -10.10 8.18
N ARG C 115 20.81 -9.08 7.61
CA ARG C 115 20.30 -8.37 6.46
C ARG C 115 20.04 -9.28 5.25
N ASN C 116 20.86 -10.31 5.11
CA ASN C 116 20.65 -11.34 4.10
C ASN C 116 19.26 -11.93 4.18
N SER C 117 18.89 -12.40 5.37
CA SER C 117 17.62 -13.07 5.58
C SER C 117 16.46 -12.14 5.26
N ALA C 118 16.60 -10.87 5.63
CA ALA C 118 15.56 -9.87 5.43
C ALA C 118 15.27 -9.64 3.95
N HIS C 119 16.33 -9.40 3.18
CA HIS C 119 16.19 -9.20 1.74
C HIS C 119 15.70 -10.48 1.07
N SER C 120 16.15 -11.61 1.58
CA SER C 120 15.71 -12.90 1.06
C SER C 120 14.25 -13.15 1.40
N ALA C 121 13.81 -12.57 2.51
CA ALA C 121 12.41 -12.72 2.95
C ALA C 121 11.53 -11.66 2.30
N GLY C 122 12.14 -10.78 1.52
CA GLY C 122 11.40 -9.78 0.75
C GLY C 122 11.08 -8.52 1.53
N VAL C 123 11.73 -8.34 2.67
CA VAL C 123 11.51 -7.15 3.48
C VAL C 123 12.82 -6.41 3.74
N GLY C 124 13.72 -6.43 2.76
CA GLY C 124 15.01 -5.81 2.90
C GLY C 124 14.98 -4.30 2.92
N ALA C 125 13.97 -3.71 2.29
CA ALA C 125 13.87 -2.25 2.20
C ALA C 125 13.64 -1.63 3.58
N ILE C 126 12.69 -2.18 4.33
CA ILE C 126 12.38 -1.69 5.67
C ILE C 126 13.50 -2.01 6.65
N PHE C 127 14.06 -3.21 6.51
CA PHE C 127 15.15 -3.65 7.37
C PHE C 127 16.30 -2.64 7.31
N ASP C 128 16.54 -2.11 6.13
CA ASP C 128 17.58 -1.11 5.92
C ASP C 128 17.20 0.24 6.53
N ARG C 129 15.93 0.61 6.43
CA ARG C 129 15.46 1.85 7.03
C ARG C 129 15.48 1.78 8.55
N VAL C 130 15.23 0.58 9.08
CA VAL C 130 15.34 0.34 10.52
C VAL C 130 16.79 0.53 10.96
N LEU C 131 17.72 -0.04 10.21
CA LEU C 131 19.13 0.04 10.53
C LEU C 131 19.68 1.46 10.37
N THR C 132 19.24 2.14 9.32
CA THR C 132 19.77 3.46 9.00
C THR C 132 19.13 4.58 9.83
N GLU C 133 17.80 4.56 9.91
CA GLU C 133 17.06 5.66 10.53
C GLU C 133 16.91 5.50 12.03
N LEU C 134 17.02 4.27 12.53
CA LEU C 134 16.84 4.02 13.95
C LEU C 134 18.10 3.52 14.65
N VAL C 135 18.52 2.30 14.31
CA VAL C 135 19.64 1.63 14.98
C VAL C 135 20.94 2.43 14.95
N SER C 136 21.37 2.84 13.76
CA SER C 136 22.64 3.55 13.62
C SER C 136 22.58 4.94 14.26
N LYS C 137 21.42 5.58 14.16
CA LYS C 137 21.23 6.90 14.76
C LYS C 137 21.29 6.82 16.28
N MET C 138 20.67 5.79 16.84
CA MET C 138 20.73 5.53 18.27
C MET C 138 22.16 5.28 18.73
N ARG C 139 22.90 4.50 17.94
CA ARG C 139 24.28 4.16 18.25
C ARG C 139 25.18 5.38 18.19
N ASP C 140 25.00 6.19 17.14
CA ASP C 140 25.84 7.36 16.91
C ASP C 140 25.75 8.38 18.04
N MET C 141 24.53 8.62 18.55
CA MET C 141 24.32 9.61 19.59
C MET C 141 24.37 8.97 20.98
N GLN C 142 24.63 7.66 21.01
CA GLN C 142 24.74 6.90 22.26
C GLN C 142 23.52 7.09 23.15
N MET C 143 22.34 6.85 22.58
CA MET C 143 21.09 6.93 23.32
C MET C 143 21.08 5.90 24.45
N ASP C 144 20.92 6.37 25.68
CA ASP C 144 20.94 5.47 26.83
C ASP C 144 19.55 4.89 27.11
N LYS C 145 19.48 4.02 28.11
CA LYS C 145 18.25 3.29 28.43
C LYS C 145 17.16 4.21 28.98
N THR C 146 17.57 5.26 29.67
CA THR C 146 16.62 6.20 30.26
C THR C 146 15.92 7.02 29.18
N GLU C 147 16.69 7.43 28.16
CA GLU C 147 16.14 8.18 27.04
C GLU C 147 15.20 7.33 26.20
N LEU C 148 15.55 6.07 26.03
CA LEU C 148 14.72 5.12 25.30
C LEU C 148 13.39 4.92 26.00
N GLY C 149 13.43 4.74 27.31
CA GLY C 149 12.24 4.53 28.11
C GLY C 149 11.28 5.70 28.02
N CYS C 150 11.82 6.90 28.03
CA CYS C 150 11.00 8.11 27.94
C CYS C 150 10.32 8.21 26.57
N LEU C 151 11.09 7.93 25.52
CA LEU C 151 10.56 8.00 24.16
C LEU C 151 9.43 7.00 23.96
N ARG C 152 9.58 5.80 24.52
CA ARG C 152 8.54 4.78 24.45
C ARG C 152 7.35 5.19 25.31
N ALA C 153 7.61 5.91 26.39
CA ALA C 153 6.53 6.42 27.24
C ALA C 153 5.74 7.49 26.51
N ILE C 154 6.44 8.32 25.76
CA ILE C 154 5.82 9.35 24.93
C ILE C 154 4.96 8.72 23.85
N VAL C 155 5.50 7.70 23.19
CA VAL C 155 4.77 6.94 22.18
C VAL C 155 3.52 6.30 22.78
N LEU C 156 3.69 5.70 23.95
CA LEU C 156 2.58 5.05 24.66
C LEU C 156 1.48 6.05 24.98
N PHE C 157 1.87 7.20 25.51
CA PHE C 157 0.92 8.27 25.82
C PHE C 157 0.60 9.08 24.56
N ASN C 158 -0.02 8.43 23.59
CA ASN C 158 -0.40 9.08 22.34
C ASN C 158 -1.83 9.61 22.39
N PRO C 159 -1.98 10.93 22.51
CA PRO C 159 -3.31 11.55 22.63
C PRO C 159 -4.08 11.59 21.32
N ASP C 160 -3.43 11.19 20.22
CA ASP C 160 -4.06 11.18 18.90
C ASP C 160 -4.79 9.87 18.65
N SER C 161 -4.62 8.92 19.57
CA SER C 161 -5.29 7.63 19.49
C SER C 161 -6.79 7.79 19.46
N LYS C 162 -7.45 7.07 18.55
CA LYS C 162 -8.88 7.22 18.35
C LYS C 162 -9.70 6.50 19.42
N GLY C 163 -10.74 7.17 19.91
CA GLY C 163 -11.67 6.55 20.84
C GLY C 163 -11.33 6.78 22.30
N LEU C 164 -10.29 7.56 22.56
CA LEU C 164 -9.89 7.88 23.92
C LEU C 164 -10.98 8.68 24.62
N SER C 165 -11.34 8.28 25.82
CA SER C 165 -12.39 8.95 26.58
C SER C 165 -11.92 10.30 27.08
N ASN C 166 -10.62 10.39 27.41
CA ASN C 166 -10.03 11.66 27.82
C ASN C 166 -8.61 11.83 27.26
N PRO C 167 -8.52 12.40 26.05
CA PRO C 167 -7.24 12.65 25.37
C PRO C 167 -6.37 13.65 26.12
N ALA C 168 -6.99 14.67 26.70
CA ALA C 168 -6.26 15.69 27.45
C ALA C 168 -5.50 15.09 28.62
N GLU C 169 -6.10 14.09 29.25
CA GLU C 169 -5.47 13.39 30.36
C GLU C 169 -4.21 12.66 29.88
N VAL C 170 -4.33 12.01 28.73
CA VAL C 170 -3.21 11.32 28.11
C VAL C 170 -2.14 12.31 27.66
N GLU C 171 -2.59 13.44 27.10
CA GLU C 171 -1.67 14.48 26.65
C GLU C 171 -0.87 15.06 27.81
N ALA C 172 -1.54 15.24 28.95
CA ALA C 172 -0.90 15.77 30.14
C ALA C 172 0.19 14.84 30.64
N LEU C 173 -0.06 13.54 30.55
CA LEU C 173 0.91 12.54 30.97
C LEU C 173 2.12 12.54 30.04
N ARG C 174 1.88 12.76 28.75
CA ARG C 174 2.96 12.86 27.77
C ARG C 174 3.82 14.09 28.07
N GLU C 175 3.16 15.21 28.36
CA GLU C 175 3.84 16.46 28.69
C GLU C 175 4.77 16.30 29.89
N LYS C 176 4.28 15.59 30.90
CA LYS C 176 5.07 15.33 32.10
C LYS C 176 6.30 14.50 31.77
N VAL C 177 6.14 13.57 30.82
CA VAL C 177 7.24 12.69 30.45
C VAL C 177 8.37 13.43 29.73
N TYR C 178 8.05 14.20 28.70
CA TYR C 178 9.12 14.84 27.94
C TYR C 178 9.66 16.08 28.67
N ALA C 179 8.94 16.55 29.68
CA ALA C 179 9.49 17.57 30.57
C ALA C 179 10.63 16.97 31.37
N SER C 180 10.43 15.75 31.83
CA SER C 180 11.44 15.00 32.56
C SER C 180 12.63 14.66 31.67
N LEU C 181 12.34 14.25 30.44
CA LEU C 181 13.37 13.87 29.49
C LEU C 181 14.30 15.03 29.16
N GLU C 182 13.73 16.23 29.05
CA GLU C 182 14.53 17.42 28.79
C GLU C 182 15.44 17.73 29.96
N ALA C 183 14.89 17.63 31.17
CA ALA C 183 15.67 17.86 32.39
C ALA C 183 16.84 16.88 32.48
N TYR C 184 16.56 15.62 32.16
CA TYR C 184 17.58 14.57 32.16
C TYR C 184 18.69 14.87 31.17
N CYS C 185 18.31 15.26 29.96
CA CYS C 185 19.27 15.54 28.89
C CYS C 185 20.14 16.75 29.20
N LYS C 186 19.55 17.80 29.77
CA LYS C 186 20.30 19.00 30.09
C LYS C 186 21.26 18.77 31.24
N HIS C 187 20.89 17.85 32.14
CA HIS C 187 21.72 17.55 33.29
C HIS C 187 22.87 16.62 32.94
N LYS C 188 22.57 15.55 32.20
CA LYS C 188 23.56 14.53 31.90
C LYS C 188 24.38 14.87 30.65
N TYR C 189 23.78 15.62 29.72
CA TYR C 189 24.51 16.03 28.52
C TYR C 189 24.40 17.54 28.27
N PRO C 190 24.95 18.36 29.18
CA PRO C 190 24.81 19.82 29.06
C PRO C 190 25.58 20.40 27.88
N GLU C 191 26.62 19.71 27.44
CA GLU C 191 27.41 20.16 26.30
C GLU C 191 26.67 19.92 24.98
N GLN C 192 25.53 19.24 25.10
CA GLN C 192 24.67 18.98 23.95
C GLN C 192 23.29 19.57 24.18
N PRO C 193 23.13 20.87 23.90
CA PRO C 193 21.85 21.56 24.13
C PRO C 193 20.72 21.07 23.23
N GLY C 194 21.06 20.48 22.09
CA GLY C 194 20.06 20.06 21.12
C GLY C 194 19.72 18.58 21.17
N ARG C 195 20.21 17.90 22.20
CA ARG C 195 20.01 16.46 22.31
C ARG C 195 18.55 16.09 22.54
N PHE C 196 17.85 16.91 23.31
CA PHE C 196 16.44 16.66 23.62
C PHE C 196 15.59 16.60 22.36
N ALA C 197 15.80 17.57 21.48
CA ALA C 197 15.05 17.63 20.22
C ALA C 197 15.44 16.48 19.30
N LYS C 198 16.73 16.17 19.25
CA LYS C 198 17.23 15.09 18.41
C LYS C 198 16.58 13.76 18.77
N LEU C 199 16.27 13.58 20.05
CA LEU C 199 15.55 12.40 20.52
C LEU C 199 14.13 12.40 19.99
N LEU C 200 13.46 13.54 20.10
CA LEU C 200 12.07 13.67 19.65
C LEU C 200 11.94 13.52 18.15
N LEU C 201 13.00 13.88 17.42
CA LEU C 201 12.97 13.89 15.97
C LEU C 201 13.31 12.52 15.38
N ARG C 202 13.35 11.50 16.23
CA ARG C 202 13.45 10.11 15.78
C ARG C 202 12.06 9.50 15.70
N LEU C 203 11.11 10.16 16.35
CA LEU C 203 9.72 9.71 16.40
C LEU C 203 9.00 9.73 15.04
N PRO C 204 9.25 10.74 14.19
CA PRO C 204 8.66 10.62 12.86
C PRO C 204 9.15 9.41 12.08
N ALA C 205 10.45 9.11 12.18
CA ALA C 205 11.03 7.94 11.53
C ALA C 205 10.39 6.67 12.07
N LEU C 206 10.20 6.63 13.39
CA LEU C 206 9.57 5.49 14.05
C LEU C 206 8.13 5.32 13.58
N ARG C 207 7.46 6.44 13.34
CA ARG C 207 6.07 6.43 12.88
C ARG C 207 5.94 5.80 11.51
N SER C 208 6.74 6.25 10.55
CA SER C 208 6.68 5.75 9.18
C SER C 208 7.16 4.31 9.08
N ILE C 209 8.29 4.02 9.72
CA ILE C 209 8.84 2.67 9.76
C ILE C 209 7.82 1.70 10.36
N GLY C 210 7.11 2.15 11.40
CA GLY C 210 6.08 1.34 12.02
C GLY C 210 4.97 0.99 11.05
N LEU C 211 4.55 1.97 10.25
CA LEU C 211 3.51 1.75 9.26
C LEU C 211 3.95 0.78 8.17
N LYS C 212 5.16 0.98 7.67
CA LYS C 212 5.69 0.12 6.61
C LYS C 212 5.87 -1.32 7.11
N CYS C 213 6.23 -1.46 8.38
CA CYS C 213 6.43 -2.78 8.98
C CYS C 213 5.14 -3.60 8.97
N LEU C 214 4.03 -2.96 9.32
CA LEU C 214 2.73 -3.59 9.26
C LEU C 214 2.35 -3.86 7.82
N GLU C 215 2.63 -2.89 6.96
CA GLU C 215 2.25 -2.93 5.55
C GLU C 215 2.91 -4.09 4.81
N HIS C 216 4.15 -4.37 5.15
CA HIS C 216 4.91 -5.42 4.47
C HIS C 216 5.03 -6.69 5.30
N LEU C 217 4.22 -6.80 6.35
CA LEU C 217 4.18 -8.00 7.19
C LEU C 217 5.56 -8.35 7.75
N PHE C 218 6.22 -7.34 8.31
CA PHE C 218 7.61 -7.42 8.76
C PHE C 218 7.88 -8.58 9.71
N PHE C 219 7.10 -8.66 10.78
CA PHE C 219 7.27 -9.70 11.78
C PHE C 219 6.95 -11.07 11.24
N PHE C 220 5.84 -11.18 10.52
CA PHE C 220 5.39 -12.44 9.94
C PHE C 220 6.47 -13.06 9.05
N LYS C 221 7.10 -12.23 8.22
CA LYS C 221 8.14 -12.71 7.31
C LYS C 221 9.45 -12.96 8.03
N LEU C 222 9.67 -12.30 9.16
CA LEU C 222 10.93 -12.47 9.86
C LEU C 222 10.88 -13.60 10.88
N ILE C 223 9.90 -13.56 11.78
CA ILE C 223 9.83 -14.57 12.83
C ILE C 223 9.07 -15.82 12.40
N GLY C 224 8.28 -15.70 11.33
CA GLY C 224 7.36 -16.77 10.98
C GLY C 224 7.74 -17.58 9.76
N ASP C 225 8.67 -17.07 8.97
CA ASP C 225 9.07 -17.75 7.73
C ASP C 225 9.64 -19.14 7.98
N THR C 226 10.64 -19.22 8.84
CA THR C 226 11.30 -20.49 9.14
C THR C 226 10.40 -21.58 9.77
N PRO C 227 9.56 -21.22 10.76
CA PRO C 227 8.72 -22.30 11.31
C PRO C 227 7.69 -22.82 10.32
N ILE C 228 7.19 -21.94 9.46
CA ILE C 228 6.19 -22.33 8.47
C ILE C 228 6.82 -23.11 7.32
N ASP C 229 7.93 -22.61 6.79
CA ASP C 229 8.67 -23.28 5.73
C ASP C 229 9.11 -24.68 6.16
N THR C 230 9.59 -24.79 7.40
CA THR C 230 9.96 -26.08 7.97
C THR C 230 8.78 -27.03 8.00
N PHE C 231 7.63 -26.52 8.44
CA PHE C 231 6.41 -27.31 8.54
C PHE C 231 5.95 -27.78 7.16
N LEU C 232 5.97 -26.88 6.19
CA LEU C 232 5.57 -27.19 4.82
C LEU C 232 6.49 -28.25 4.21
N MET C 233 7.80 -28.03 4.31
CA MET C 233 8.79 -28.94 3.73
C MET C 233 8.71 -30.34 4.31
N GLU C 234 8.44 -30.43 5.61
CA GLU C 234 8.27 -31.72 6.27
C GLU C 234 7.05 -32.44 5.71
N MET C 235 5.97 -31.69 5.53
CA MET C 235 4.71 -32.26 5.07
C MET C 235 4.76 -32.62 3.59
N LEU C 236 5.52 -31.84 2.82
CA LEU C 236 5.64 -32.08 1.38
C LEU C 236 6.49 -33.32 1.07
N GLU C 237 7.47 -33.59 1.92
CA GLU C 237 8.34 -34.74 1.75
C GLU C 237 7.68 -36.01 2.27
N ALA C 238 6.59 -35.84 3.02
CA ALA C 238 5.86 -36.97 3.56
C ALA C 238 4.89 -37.54 2.54
N PRO C 239 4.43 -38.78 2.76
CA PRO C 239 3.30 -39.29 1.97
C PRO C 239 1.96 -38.89 2.57
N PRO D 45 -12.10 21.87 -15.48
CA PRO D 45 -11.13 22.54 -14.62
C PRO D 45 -9.88 21.68 -14.36
N VAL D 46 -9.61 20.73 -15.25
CA VAL D 46 -8.42 19.90 -15.14
C VAL D 46 -7.15 20.74 -15.36
N THR D 47 -7.21 21.62 -16.35
CA THR D 47 -6.08 22.51 -16.64
C THR D 47 -5.91 23.54 -15.53
N ASN D 48 -7.03 23.94 -14.93
CA ASN D 48 -7.00 24.80 -13.76
C ASN D 48 -6.25 24.14 -12.61
N ILE D 49 -6.48 22.85 -12.44
CA ILE D 49 -5.84 22.06 -11.40
C ILE D 49 -4.34 21.87 -11.67
N CYS D 50 -4.01 21.56 -12.92
CA CYS D 50 -2.62 21.34 -13.31
C CYS D 50 -1.78 22.59 -13.17
N GLN D 51 -2.35 23.73 -13.58
CA GLN D 51 -1.63 25.00 -13.51
C GLN D 51 -1.48 25.46 -12.07
N ALA D 52 -2.46 25.13 -11.23
CA ALA D 52 -2.42 25.45 -9.81
C ALA D 52 -1.29 24.67 -9.13
N ALA D 53 -1.12 23.42 -9.53
CA ALA D 53 -0.04 22.58 -9.02
C ALA D 53 1.32 23.11 -9.46
N ASP D 54 1.40 23.56 -10.71
CA ASP D 54 2.60 24.21 -11.23
C ASP D 54 2.94 25.45 -10.40
N LYS D 55 1.91 26.20 -10.02
CA LYS D 55 2.08 27.40 -9.20
C LYS D 55 2.59 27.04 -7.81
N GLN D 56 2.01 26.00 -7.22
CA GLN D 56 2.42 25.56 -5.88
C GLN D 56 3.87 25.08 -5.86
N LEU D 57 4.25 24.34 -6.89
CA LEU D 57 5.61 23.85 -7.02
C LEU D 57 6.59 25.01 -7.11
N PHE D 58 6.20 26.03 -7.87
CA PHE D 58 7.01 27.24 -8.01
C PHE D 58 7.20 27.94 -6.67
N THR D 59 6.09 28.21 -5.98
CA THR D 59 6.12 28.90 -4.70
C THR D 59 6.88 28.12 -3.63
N LEU D 60 6.82 26.80 -3.72
CA LEU D 60 7.51 25.95 -2.76
C LEU D 60 9.03 26.00 -2.94
N VAL D 61 9.46 26.04 -4.20
CA VAL D 61 10.89 26.12 -4.50
C VAL D 61 11.45 27.46 -4.08
N GLU D 62 10.70 28.53 -4.36
CA GLU D 62 11.12 29.88 -4.00
C GLU D 62 11.20 30.02 -2.49
N TRP D 63 10.23 29.44 -1.79
CA TRP D 63 10.23 29.42 -0.33
C TRP D 63 11.46 28.69 0.21
N ALA D 64 11.81 27.57 -0.42
CA ALA D 64 12.95 26.78 0.01
C ALA D 64 14.27 27.53 -0.19
N LYS D 65 14.35 28.30 -1.27
CA LYS D 65 15.57 29.04 -1.58
C LYS D 65 15.80 30.20 -0.63
N ARG D 66 14.71 30.74 -0.07
CA ARG D 66 14.82 31.84 0.88
C ARG D 66 15.19 31.33 2.28
N ILE D 67 15.08 30.01 2.47
CA ILE D 67 15.55 29.37 3.69
C ILE D 67 17.07 29.40 3.72
N PRO D 68 17.65 29.99 4.77
CA PRO D 68 19.10 30.14 4.91
C PRO D 68 19.85 28.81 4.78
N HIS D 69 20.98 28.85 4.08
CA HIS D 69 21.88 27.71 3.90
C HIS D 69 21.36 26.60 2.98
N PHE D 70 20.11 26.72 2.53
CA PHE D 70 19.54 25.69 1.67
C PHE D 70 20.22 25.66 0.31
N SER D 71 20.40 26.83 -0.30
CA SER D 71 20.97 26.93 -1.64
C SER D 71 22.46 26.61 -1.67
N GLU D 72 23.08 26.57 -0.49
CA GLU D 72 24.50 26.28 -0.39
C GLU D 72 24.76 24.78 -0.47
N LEU D 73 23.70 23.99 -0.30
CA LEU D 73 23.77 22.55 -0.44
C LEU D 73 24.04 22.15 -1.89
N PRO D 74 24.57 20.93 -2.10
CA PRO D 74 24.68 20.41 -3.47
C PRO D 74 23.33 20.39 -4.17
N LEU D 75 23.31 20.71 -5.45
CA LEU D 75 22.07 20.86 -6.20
C LEU D 75 21.23 19.59 -6.20
N ASP D 76 21.89 18.45 -6.35
CA ASP D 76 21.21 17.16 -6.35
C ASP D 76 20.56 16.87 -5.01
N ASP D 77 21.19 17.36 -3.94
CA ASP D 77 20.66 17.21 -2.60
C ASP D 77 19.43 18.09 -2.38
N GLN D 78 19.43 19.27 -3.01
CA GLN D 78 18.31 20.19 -2.92
C GLN D 78 17.05 19.58 -3.57
N VAL D 79 17.26 18.91 -4.70
CA VAL D 79 16.18 18.23 -5.39
C VAL D 79 15.64 17.08 -4.54
N ILE D 80 16.55 16.30 -3.97
CA ILE D 80 16.19 15.17 -3.12
C ILE D 80 15.32 15.59 -1.94
N LEU D 81 15.70 16.66 -1.28
CA LEU D 81 14.97 17.16 -0.12
C LEU D 81 13.57 17.64 -0.50
N LEU D 82 13.46 18.29 -1.66
CA LEU D 82 12.17 18.79 -2.12
C LEU D 82 11.22 17.65 -2.47
N ARG D 83 11.71 16.66 -3.21
CA ARG D 83 10.91 15.50 -3.56
C ARG D 83 10.48 14.72 -2.33
N ALA D 84 11.40 14.60 -1.38
CA ALA D 84 11.15 13.81 -0.17
C ALA D 84 10.14 14.50 0.75
N GLY D 85 10.08 15.82 0.67
CA GLY D 85 9.29 16.58 1.61
C GLY D 85 8.07 17.33 1.10
N TRP D 86 7.95 17.50 -0.21
CA TRP D 86 6.93 18.41 -0.74
C TRP D 86 5.50 18.00 -0.41
N ASN D 87 5.31 16.74 -0.05
CA ASN D 87 3.98 16.29 0.34
C ASN D 87 3.61 16.79 1.74
N GLU D 88 4.49 16.54 2.71
CA GLU D 88 4.27 17.00 4.08
C GLU D 88 4.30 18.53 4.16
N LEU D 89 5.15 19.14 3.35
CA LEU D 89 5.29 20.59 3.33
C LEU D 89 4.01 21.28 2.91
N LEU D 90 3.33 20.71 1.92
CA LEU D 90 2.07 21.27 1.44
C LEU D 90 0.93 20.98 2.41
N ILE D 91 0.94 19.79 2.97
CA ILE D 91 -0.07 19.39 3.96
C ILE D 91 0.00 20.30 5.18
N ALA D 92 1.20 20.57 5.65
CA ALA D 92 1.42 21.50 6.75
C ALA D 92 0.90 22.88 6.39
N SER D 93 1.06 23.25 5.13
CA SER D 93 0.71 24.59 4.67
C SER D 93 -0.80 24.82 4.68
N PHE D 94 -1.57 23.94 4.06
CA PHE D 94 -3.01 24.17 3.98
C PHE D 94 -3.71 23.80 5.30
N SER D 95 -3.05 22.99 6.12
CA SER D 95 -3.59 22.65 7.43
C SER D 95 -3.61 23.90 8.31
N HIS D 96 -2.50 24.61 8.32
CA HIS D 96 -2.38 25.84 9.10
C HIS D 96 -3.27 26.94 8.53
N ARG D 97 -3.43 26.96 7.21
CA ARG D 97 -4.27 27.95 6.56
C ARG D 97 -5.74 27.73 6.92
N SER D 98 -6.06 26.51 7.31
CA SER D 98 -7.44 26.10 7.58
C SER D 98 -7.87 26.31 9.01
N ILE D 99 -7.08 27.05 9.79
CA ILE D 99 -7.43 27.30 11.19
C ILE D 99 -8.66 28.18 11.31
N ALA D 100 -8.81 29.12 10.38
CA ALA D 100 -9.96 30.02 10.36
C ALA D 100 -11.23 29.27 10.01
N VAL D 101 -11.06 28.13 9.34
CA VAL D 101 -12.16 27.35 8.78
C VAL D 101 -12.70 26.29 9.76
N LYS D 102 -13.99 26.00 9.66
CA LYS D 102 -14.60 24.93 10.45
C LYS D 102 -14.94 23.72 9.58
N ASP D 103 -14.64 22.53 10.09
CA ASP D 103 -14.97 21.26 9.43
C ASP D 103 -14.53 21.21 7.97
N GLY D 104 -13.42 21.87 7.66
CA GLY D 104 -12.98 21.94 6.28
C GLY D 104 -11.53 22.34 6.06
N ILE D 105 -11.14 22.39 4.79
CA ILE D 105 -9.78 22.71 4.39
C ILE D 105 -9.80 23.89 3.44
N LEU D 106 -8.93 24.87 3.69
CA LEU D 106 -8.84 26.05 2.83
C LEU D 106 -7.65 25.94 1.88
N LEU D 107 -7.94 25.79 0.60
CA LEU D 107 -6.91 25.73 -0.43
C LEU D 107 -6.39 27.13 -0.74
N ALA D 108 -5.20 27.21 -1.33
CA ALA D 108 -4.59 28.50 -1.65
C ALA D 108 -5.40 29.24 -2.72
N THR D 109 -6.12 28.47 -3.53
CA THR D 109 -6.92 29.06 -4.61
C THR D 109 -8.23 29.63 -4.08
N GLY D 110 -8.39 29.59 -2.76
CA GLY D 110 -9.57 30.14 -2.11
C GLY D 110 -10.70 29.14 -1.99
N LEU D 111 -10.54 27.98 -2.61
CA LEU D 111 -11.57 26.95 -2.58
C LEU D 111 -11.65 26.27 -1.22
N HIS D 112 -12.85 26.26 -0.67
CA HIS D 112 -13.14 25.61 0.60
C HIS D 112 -13.66 24.19 0.36
N VAL D 113 -13.03 23.23 1.02
CA VAL D 113 -13.42 21.82 0.91
C VAL D 113 -13.98 21.30 2.23
N HIS D 114 -15.28 21.00 2.24
CA HIS D 114 -15.95 20.55 3.46
C HIS D 114 -15.78 19.06 3.71
N ARG D 115 -16.07 18.66 4.94
CA ARG D 115 -15.92 17.28 5.41
C ARG D 115 -16.82 16.32 4.65
N ASN D 116 -17.97 16.84 4.22
CA ASN D 116 -18.93 16.07 3.44
C ASN D 116 -18.37 15.56 2.12
N SER D 117 -17.75 16.47 1.36
CA SER D 117 -17.17 16.12 0.08
C SER D 117 -16.11 15.04 0.21
N ALA D 118 -15.31 15.14 1.27
CA ALA D 118 -14.22 14.21 1.51
C ALA D 118 -14.73 12.79 1.78
N HIS D 119 -15.72 12.68 2.65
CA HIS D 119 -16.31 11.39 2.97
C HIS D 119 -17.07 10.82 1.77
N SER D 120 -17.70 11.71 1.01
CA SER D 120 -18.38 11.31 -0.22
C SER D 120 -17.38 10.87 -1.28
N ALA D 121 -16.17 11.43 -1.23
CA ALA D 121 -15.12 11.08 -2.17
C ALA D 121 -14.35 9.85 -1.69
N GLY D 122 -14.71 9.34 -0.52
CA GLY D 122 -14.13 8.11 0.00
C GLY D 122 -12.83 8.30 0.75
N VAL D 123 -12.52 9.55 1.10
CA VAL D 123 -11.29 9.84 1.84
C VAL D 123 -11.60 10.59 3.12
N GLY D 124 -12.73 10.27 3.73
CA GLY D 124 -13.15 10.96 4.94
C GLY D 124 -12.33 10.62 6.16
N ALA D 125 -11.69 9.45 6.15
CA ALA D 125 -10.88 9.01 7.29
C ALA D 125 -9.66 9.90 7.48
N ILE D 126 -8.91 10.11 6.40
CA ILE D 126 -7.72 10.95 6.44
C ILE D 126 -8.07 12.41 6.66
N PHE D 127 -9.17 12.85 6.05
CA PHE D 127 -9.63 14.23 6.17
C PHE D 127 -9.87 14.56 7.64
N ASP D 128 -10.43 13.59 8.36
CA ASP D 128 -10.65 13.73 9.79
C ASP D 128 -9.34 13.70 10.56
N ARG D 129 -8.39 12.89 10.10
CA ARG D 129 -7.07 12.86 10.70
C ARG D 129 -6.36 14.19 10.50
N VAL D 130 -6.53 14.78 9.32
CA VAL D 130 -5.99 16.11 9.04
C VAL D 130 -6.59 17.17 9.97
N LEU D 131 -7.91 17.09 10.14
CA LEU D 131 -8.62 18.08 10.95
C LEU D 131 -8.33 17.93 12.44
N THR D 132 -8.31 16.69 12.93
CA THR D 132 -8.14 16.44 14.36
C THR D 132 -6.68 16.48 14.81
N GLU D 133 -5.79 15.89 14.03
CA GLU D 133 -4.39 15.76 14.43
C GLU D 133 -3.53 16.96 14.04
N LEU D 134 -3.97 17.70 13.02
CA LEU D 134 -3.19 18.84 12.55
C LEU D 134 -3.91 20.17 12.73
N VAL D 135 -5.01 20.37 12.00
CA VAL D 135 -5.71 21.66 11.99
C VAL D 135 -6.18 22.13 13.36
N SER D 136 -6.93 21.29 14.07
CA SER D 136 -7.47 21.67 15.36
C SER D 136 -6.37 21.84 16.41
N LYS D 137 -5.32 21.03 16.31
CA LYS D 137 -4.18 21.13 17.22
C LYS D 137 -3.44 22.45 17.00
N MET D 138 -3.30 22.82 15.73
CA MET D 138 -2.69 24.10 15.38
C MET D 138 -3.54 25.25 15.90
N ARG D 139 -4.86 25.11 15.81
CA ARG D 139 -5.78 26.12 16.29
C ARG D 139 -5.71 26.27 17.81
N ASP D 140 -5.79 25.14 18.52
CA ASP D 140 -5.84 25.15 19.98
C ASP D 140 -4.62 25.81 20.62
N MET D 141 -3.44 25.54 20.08
CA MET D 141 -2.20 26.09 20.64
C MET D 141 -1.83 27.41 19.97
N GLN D 142 -2.67 27.86 19.03
CA GLN D 142 -2.47 29.12 18.32
C GLN D 142 -1.09 29.21 17.68
N MET D 143 -0.74 28.18 16.91
CA MET D 143 0.53 28.14 16.19
C MET D 143 0.64 29.29 15.20
N ASP D 144 1.65 30.14 15.38
CA ASP D 144 1.84 31.28 14.50
C ASP D 144 2.66 30.89 13.26
N LYS D 145 2.83 31.83 12.34
CA LYS D 145 3.46 31.55 11.06
C LYS D 145 4.96 31.35 11.17
N THR D 146 5.57 31.93 12.20
CA THR D 146 6.99 31.76 12.44
C THR D 146 7.29 30.33 12.86
N GLU D 147 6.41 29.77 13.71
CA GLU D 147 6.56 28.40 14.16
C GLU D 147 6.31 27.42 13.02
N LEU D 148 5.34 27.75 12.17
CA LEU D 148 5.02 26.93 11.01
C LEU D 148 6.19 26.88 10.03
N GLY D 149 6.78 28.04 9.79
CA GLY D 149 7.93 28.14 8.89
C GLY D 149 9.11 27.32 9.37
N CYS D 150 9.33 27.31 10.67
CA CYS D 150 10.43 26.54 11.25
C CYS D 150 10.18 25.05 11.11
N LEU D 151 8.95 24.63 11.39
CA LEU D 151 8.58 23.23 11.29
C LEU D 151 8.73 22.71 9.85
N ARG D 152 8.34 23.54 8.88
CA ARG D 152 8.47 23.19 7.48
C ARG D 152 9.94 23.17 7.08
N ALA D 153 10.74 24.04 7.70
CA ALA D 153 12.17 24.07 7.45
C ALA D 153 12.84 22.81 7.99
N ILE D 154 12.36 22.35 9.14
CA ILE D 154 12.84 21.11 9.74
C ILE D 154 12.50 19.91 8.85
N VAL D 155 11.26 19.90 8.36
CA VAL D 155 10.80 18.87 7.44
C VAL D 155 11.64 18.88 6.16
N LEU D 156 11.87 20.08 5.62
CA LEU D 156 12.69 20.25 4.43
C LEU D 156 14.09 19.70 4.63
N PHE D 157 14.70 20.02 5.78
CA PHE D 157 16.03 19.52 6.12
C PHE D 157 15.93 18.13 6.72
N ASN D 158 15.47 17.17 5.93
CA ASN D 158 15.34 15.79 6.38
C ASN D 158 16.57 14.97 6.02
N PRO D 159 17.40 14.65 7.03
CA PRO D 159 18.65 13.93 6.81
C PRO D 159 18.44 12.44 6.53
N ASP D 160 17.20 11.98 6.65
CA ASP D 160 16.87 10.59 6.39
C ASP D 160 16.52 10.35 4.92
N SER D 161 16.52 11.44 4.15
CA SER D 161 16.22 11.37 2.73
C SER D 161 17.24 10.51 2.00
N LYS D 162 16.77 9.68 1.06
CA LYS D 162 17.64 8.72 0.39
C LYS D 162 18.47 9.37 -0.70
N GLY D 163 19.75 9.01 -0.76
CA GLY D 163 20.63 9.44 -1.82
C GLY D 163 21.38 10.73 -1.54
N LEU D 164 21.20 11.28 -0.35
CA LEU D 164 21.88 12.51 0.06
C LEU D 164 23.39 12.30 0.07
N SER D 165 24.12 13.20 -0.58
CA SER D 165 25.58 13.09 -0.64
C SER D 165 26.21 13.40 0.70
N ASN D 166 25.59 14.31 1.45
CA ASN D 166 26.06 14.65 2.79
C ASN D 166 24.90 14.88 3.75
N PRO D 167 24.43 13.80 4.40
CA PRO D 167 23.34 13.82 5.37
C PRO D 167 23.68 14.65 6.61
N ALA D 168 24.93 14.55 7.06
CA ALA D 168 25.38 15.27 8.25
C ALA D 168 25.26 16.79 8.07
N GLU D 169 25.51 17.24 6.84
CA GLU D 169 25.38 18.65 6.50
C GLU D 169 23.91 19.09 6.63
N VAL D 170 23.01 18.25 6.12
CA VAL D 170 21.58 18.49 6.22
C VAL D 170 21.12 18.45 7.67
N GLU D 171 21.63 17.47 8.41
CA GLU D 171 21.29 17.32 9.82
C GLU D 171 21.71 18.54 10.62
N ALA D 172 22.87 19.08 10.30
CA ALA D 172 23.40 20.26 10.96
C ALA D 172 22.50 21.47 10.74
N LEU D 173 21.96 21.59 9.53
CA LEU D 173 21.07 22.69 9.20
C LEU D 173 19.73 22.56 9.92
N ARG D 174 19.27 21.33 10.09
CA ARG D 174 18.06 21.08 10.87
C ARG D 174 18.28 21.47 12.32
N GLU D 175 19.45 21.13 12.86
CA GLU D 175 19.82 21.46 14.24
C GLU D 175 19.83 22.97 14.45
N LYS D 176 20.37 23.68 13.48
CA LYS D 176 20.38 25.14 13.50
C LYS D 176 18.96 25.69 13.58
N VAL D 177 18.05 25.08 12.84
CA VAL D 177 16.68 25.57 12.76
C VAL D 177 15.90 25.40 14.07
N TYR D 178 15.93 24.20 14.65
CA TYR D 178 15.10 23.97 15.84
C TYR D 178 15.74 24.56 17.10
N ALA D 179 17.02 24.88 17.03
CA ALA D 179 17.65 25.66 18.10
C ALA D 179 17.03 27.05 18.11
N SER D 180 16.82 27.58 16.91
CA SER D 180 16.21 28.89 16.73
C SER D 180 14.75 28.87 17.15
N LEU D 181 14.06 27.79 16.82
CA LEU D 181 12.64 27.65 17.14
C LEU D 181 12.42 27.61 18.64
N GLU D 182 13.33 26.95 19.36
CA GLU D 182 13.23 26.88 20.82
C GLU D 182 13.42 28.26 21.44
N ALA D 183 14.38 29.01 20.92
CA ALA D 183 14.65 30.36 21.39
C ALA D 183 13.43 31.26 21.19
N TYR D 184 12.80 31.13 20.03
CA TYR D 184 11.60 31.91 19.71
C TYR D 184 10.46 31.57 20.66
N CYS D 185 10.26 30.28 20.91
CA CYS D 185 9.18 29.83 21.80
C CYS D 185 9.43 30.24 23.24
N LYS D 186 10.69 30.18 23.67
CA LYS D 186 11.06 30.56 25.03
C LYS D 186 10.79 32.03 25.30
N HIS D 187 11.05 32.87 24.31
CA HIS D 187 10.92 34.31 24.48
C HIS D 187 9.48 34.79 24.29
N LYS D 188 8.78 34.23 23.30
CA LYS D 188 7.43 34.68 23.01
C LYS D 188 6.37 33.98 23.85
N TYR D 189 6.65 32.74 24.26
CA TYR D 189 5.73 32.01 25.12
C TYR D 189 6.44 31.38 26.32
N PRO D 190 7.00 32.21 27.23
CA PRO D 190 7.75 31.71 28.38
C PRO D 190 6.89 31.01 29.41
N GLU D 191 5.60 31.35 29.46
CA GLU D 191 4.67 30.72 30.39
C GLU D 191 4.33 29.31 29.91
N GLN D 192 4.80 28.98 28.70
CA GLN D 192 4.60 27.66 28.12
C GLN D 192 5.96 27.02 27.84
N PRO D 193 6.57 26.40 28.85
CA PRO D 193 7.90 25.78 28.70
C PRO D 193 7.90 24.57 27.77
N GLY D 194 6.74 23.94 27.59
CA GLY D 194 6.67 22.73 26.80
C GLY D 194 6.18 22.95 25.37
N ARG D 195 6.07 24.21 24.98
CA ARG D 195 5.55 24.54 23.65
C ARG D 195 6.46 24.07 22.53
N PHE D 196 7.77 24.16 22.75
CA PHE D 196 8.75 23.75 21.75
C PHE D 196 8.59 22.28 21.39
N ALA D 197 8.47 21.43 22.41
CA ALA D 197 8.30 20.00 22.20
C ALA D 197 6.96 19.69 21.54
N LYS D 198 5.92 20.38 21.98
CA LYS D 198 4.57 20.19 21.43
C LYS D 198 4.55 20.45 19.94
N LEU D 199 5.36 21.41 19.49
CA LEU D 199 5.50 21.70 18.06
C LEU D 199 6.16 20.54 17.32
N LEU D 200 7.24 20.02 17.89
CA LEU D 200 7.99 18.93 17.29
C LEU D 200 7.16 17.64 17.26
N LEU D 201 6.27 17.49 18.24
CA LEU D 201 5.48 16.26 18.37
C LEU D 201 4.25 16.26 17.49
N ARG D 202 4.18 17.24 16.57
CA ARG D 202 3.15 17.24 15.53
C ARG D 202 3.70 16.62 14.26
N LEU D 203 5.03 16.51 14.21
CA LEU D 203 5.73 15.95 13.06
C LEU D 203 5.47 14.46 12.81
N PRO D 204 5.36 13.64 13.89
CA PRO D 204 4.97 12.26 13.59
C PRO D 204 3.59 12.15 12.96
N ALA D 205 2.65 12.98 13.42
CA ALA D 205 1.32 13.00 12.84
C ALA D 205 1.38 13.41 11.38
N LEU D 206 2.21 14.42 11.09
CA LEU D 206 2.39 14.90 9.73
C LEU D 206 3.00 13.82 8.84
N ARG D 207 3.89 13.03 9.42
CA ARG D 207 4.57 11.95 8.70
C ARG D 207 3.58 10.87 8.26
N SER D 208 2.76 10.39 9.19
CA SER D 208 1.80 9.34 8.90
C SER D 208 0.68 9.83 7.99
N ILE D 209 0.16 11.02 8.29
CA ILE D 209 -0.88 11.63 7.48
C ILE D 209 -0.39 11.83 6.05
N GLY D 210 0.88 12.19 5.91
CA GLY D 210 1.49 12.35 4.60
C GLY D 210 1.50 11.05 3.81
N LEU D 211 1.81 9.95 4.51
CA LEU D 211 1.83 8.64 3.90
C LEU D 211 0.43 8.18 3.51
N LYS D 212 -0.51 8.34 4.43
CA LYS D 212 -1.90 7.96 4.18
C LYS D 212 -2.49 8.74 3.01
N CYS D 213 -2.15 10.02 2.92
CA CYS D 213 -2.63 10.88 1.83
C CYS D 213 -2.20 10.36 0.47
N LEU D 214 -0.98 9.83 0.40
CA LEU D 214 -0.45 9.30 -0.85
C LEU D 214 -1.14 7.98 -1.24
N GLU D 215 -1.28 7.07 -0.29
CA GLU D 215 -1.79 5.74 -0.61
C GLU D 215 -3.28 5.74 -0.90
N HIS D 216 -3.98 6.75 -0.38
CA HIS D 216 -5.42 6.86 -0.61
C HIS D 216 -5.76 7.89 -1.69
N LEU D 217 -4.72 8.38 -2.38
CA LEU D 217 -4.90 9.32 -3.49
C LEU D 217 -5.70 10.55 -3.08
N PHE D 218 -5.33 11.13 -1.94
CA PHE D 218 -6.04 12.23 -1.31
C PHE D 218 -6.35 13.39 -2.25
N PHE D 219 -5.33 13.87 -2.96
CA PHE D 219 -5.49 15.04 -3.83
C PHE D 219 -6.31 14.68 -5.06
N PHE D 220 -5.99 13.53 -5.67
CA PHE D 220 -6.77 13.00 -6.80
C PHE D 220 -8.27 13.01 -6.52
N LYS D 221 -8.66 12.51 -5.35
CA LYS D 221 -10.06 12.29 -5.05
C LYS D 221 -10.79 13.53 -4.56
N LEU D 222 -10.03 14.55 -4.14
CA LEU D 222 -10.65 15.77 -3.64
C LEU D 222 -11.08 16.68 -4.78
N ILE D 223 -10.85 16.24 -6.01
CA ILE D 223 -11.47 16.89 -7.17
C ILE D 223 -12.83 16.22 -7.40
N GLY D 224 -12.94 14.95 -7.03
CA GLY D 224 -14.17 14.20 -7.17
C GLY D 224 -14.27 13.44 -8.47
N ASP D 225 -15.41 12.80 -8.69
CA ASP D 225 -15.68 12.09 -9.94
C ASP D 225 -15.97 13.07 -11.08
N THR D 226 -16.50 14.24 -10.73
CA THR D 226 -17.05 15.17 -11.71
C THR D 226 -16.03 15.72 -12.71
N PRO D 227 -14.87 16.23 -12.24
CA PRO D 227 -13.94 16.81 -13.24
C PRO D 227 -13.41 15.77 -14.23
N ILE D 228 -13.29 14.53 -13.77
CA ILE D 228 -12.83 13.44 -14.61
C ILE D 228 -13.92 12.96 -15.57
N ASP D 229 -15.13 12.80 -15.05
CA ASP D 229 -16.27 12.39 -15.87
C ASP D 229 -16.55 13.41 -16.97
N THR D 230 -16.52 14.69 -16.58
CA THR D 230 -16.69 15.79 -17.52
C THR D 230 -15.62 15.73 -18.62
N PHE D 231 -14.38 15.57 -18.17
CA PHE D 231 -13.22 15.46 -19.04
C PHE D 231 -13.39 14.39 -20.11
N LEU D 232 -13.87 13.22 -19.69
CA LEU D 232 -14.05 12.08 -20.60
C LEU D 232 -15.27 12.26 -21.49
N MET D 233 -16.34 12.80 -20.92
CA MET D 233 -17.58 13.03 -21.67
C MET D 233 -17.31 13.96 -22.85
N GLU D 234 -16.49 14.97 -22.61
CA GLU D 234 -16.08 15.90 -23.65
C GLU D 234 -15.31 15.17 -24.74
N MET D 235 -14.45 14.24 -24.34
CA MET D 235 -13.69 13.42 -25.28
C MET D 235 -14.62 12.53 -26.11
N LEU D 236 -15.63 11.97 -25.47
CA LEU D 236 -16.53 11.03 -26.14
C LEU D 236 -17.46 11.71 -27.14
N GLU D 237 -17.85 12.95 -26.83
CA GLU D 237 -18.80 13.68 -27.67
C GLU D 237 -18.09 14.42 -28.81
N ALA D 238 -16.76 14.36 -28.80
CA ALA D 238 -15.94 14.95 -29.86
C ALA D 238 -16.15 14.18 -31.16
N PRO D 239 -15.79 14.80 -32.30
CA PRO D 239 -15.97 14.10 -33.57
C PRO D 239 -15.03 12.90 -33.70
N HIS D 240 -15.36 11.99 -34.59
CA HIS D 240 -14.64 10.73 -34.70
C HIS D 240 -13.93 10.60 -36.05
#